data_3M6L
#
_entry.id   3M6L
#
_cell.length_a   130.924
_cell.length_b   71.462
_cell.length_c   69.617
_cell.angle_alpha   90.00
_cell.angle_beta   109.48
_cell.angle_gamma   90.00
#
_symmetry.space_group_name_H-M   'C 1 2 1'
#
loop_
_entity.id
_entity.type
_entity.pdbx_description
1 polymer Transketolase
2 non-polymer GLYCEROL
3 non-polymer 'THIAMINE DIPHOSPHATE'
4 non-polymer 'CALCIUM ION'
5 non-polymer 1,2-ETHANEDIOL
6 non-polymer RIBOSE-5-PHOSPHATE
7 non-polymer 'PHOSPHATE ION'
8 water water
#
_entity_poly.entity_id   1
_entity_poly.type   'polypeptide(L)'
_entity_poly.pdbx_seq_one_letter_code
;SNA(MSE)NIQILQEQANTLRFLSAD(MSE)VQKANSGHPGAPLGLADILSVLSYHLKHNPKNPTWLNRDRLVFSGGHAS
ALLYSFLHLSGYDLSLEDLKNFRQLHSKTPGHPEISTLGVEIATGPLGQGVANAVGFA(MSE)AAKKAQNLLGSDLIDHK
IYCLCGDGDLQEGISYEACSLAGLHKLDNFILIYDSNNISIEGDVGLAFNENVK(MSE)RFEAQGFEVLSINGHDYEEIN
KALEQAKKSTKPCLIIAKTTIAKGAGELEGSHKSHGAPLGEEVIKKAKEQAGFDPNISFHIPQASKIRFESAVELGDLEE
AKWKDKLEKSAKKELLERLLNPDFNKIAYPDFKGKDLATRDSNGEILNVLAKNLEGFLGGSADLGPSNKTELHS(MSE)G
DFVEGKNIHFGIREHA(MSE)AAINNAFARYGIFLPFSATFFIFSEYLKPAARIAAL(MSE)KIKHFFIFTHDSIGVGED
GPTHQPIEQLSTFRA(MSE)PNFLTFRPADGVENVKAWQIALNADIPSAFVLSRQKLKALNEPVFGDVKNGAYLLKESKE
AKFTLLASGSEVWLCLESANELEKQGFACNVVS(MSE)PCFELFEKQDKAYQERLLKGEVIGVEAAHSNELYKFCHKVYG
IESFGESGKDKDVFERFGFSVSKLVNFILSK
;
_entity_poly.pdbx_strand_id   A
#
loop_
_chem_comp.id
_chem_comp.type
_chem_comp.name
_chem_comp.formula
CA non-polymer 'CALCIUM ION' 'Ca 2'
EDO non-polymer 1,2-ETHANEDIOL 'C2 H6 O2'
GOL non-polymer GLYCEROL 'C3 H8 O3'
PO4 non-polymer 'PHOSPHATE ION' 'O4 P -3'
R5P saccharide RIBOSE-5-PHOSPHATE 'C5 H11 O8 P'
TPP non-polymer 'THIAMINE DIPHOSPHATE' 'C12 H19 N4 O7 P2 S 1'
#
# COMPACT_ATOMS: atom_id res chain seq x y z
N MSE A 4 -12.03 -12.39 -33.97
CA MSE A 4 -12.86 -12.73 -32.74
C MSE A 4 -13.95 -13.70 -33.15
O MSE A 4 -15.02 -13.26 -33.60
CB MSE A 4 -13.55 -11.49 -32.10
CG MSE A 4 -12.98 -10.97 -30.73
SE MSE A 4 -14.21 -10.27 -29.29
CE MSE A 4 -14.08 -11.84 -28.16
N ASN A 5 -13.68 -15.00 -33.03
CA ASN A 5 -14.69 -16.08 -33.18
C ASN A 5 -14.51 -17.08 -32.05
N ILE A 6 -15.42 -18.05 -31.92
CA ILE A 6 -15.36 -18.98 -30.79
C ILE A 6 -14.21 -19.96 -30.89
N GLN A 7 -13.78 -20.30 -32.12
CA GLN A 7 -12.71 -21.29 -32.25
C GLN A 7 -11.41 -20.70 -31.68
N ILE A 8 -11.10 -19.50 -32.10
CA ILE A 8 -9.87 -18.81 -31.68
C ILE A 8 -9.96 -18.47 -30.17
N LEU A 9 -11.12 -17.97 -29.74
CA LEU A 9 -11.21 -17.66 -28.26
C LEU A 9 -11.10 -18.94 -27.40
N GLN A 10 -11.70 -20.07 -27.82
CA GLN A 10 -11.55 -21.33 -27.14
C GLN A 10 -10.09 -21.77 -27.08
N GLU A 11 -9.43 -21.69 -28.22
CA GLU A 11 -8.01 -22.06 -28.20
C GLU A 11 -7.18 -21.14 -27.27
N GLN A 12 -7.47 -19.87 -27.33
CA GLN A 12 -6.74 -18.90 -26.50
C GLN A 12 -6.96 -19.19 -25.01
N ALA A 13 -8.25 -19.42 -24.64
CA ALA A 13 -8.56 -19.72 -23.24
C ALA A 13 -7.91 -20.97 -22.78
N ASN A 14 -7.93 -21.98 -23.66
CA ASN A 14 -7.30 -23.21 -23.29
C ASN A 14 -5.78 -23.13 -23.16
N THR A 15 -5.20 -22.26 -23.96
CA THR A 15 -3.74 -21.99 -23.90
C THR A 15 -3.46 -21.46 -22.51
N LEU A 16 -4.24 -20.48 -22.10
CA LEU A 16 -4.08 -19.95 -20.73
C LEU A 16 -4.27 -20.97 -19.69
N ARG A 17 -5.36 -21.78 -19.76
CA ARG A 17 -5.50 -22.87 -18.83
C ARG A 17 -4.31 -23.80 -18.68
N PHE A 18 -3.78 -24.29 -19.83
CA PHE A 18 -2.82 -25.32 -19.73
C PHE A 18 -1.43 -24.80 -19.37
N LEU A 19 -1.12 -23.55 -19.78
CA LEU A 19 0.10 -22.93 -19.23
C LEU A 19 -0.04 -22.85 -17.72
N SER A 20 -1.20 -22.39 -17.26
CA SER A 20 -1.40 -22.21 -15.81
C SER A 20 -1.26 -23.51 -15.04
N ALA A 21 -1.93 -24.56 -15.57
CA ALA A 21 -1.95 -25.87 -14.94
C ALA A 21 -0.57 -26.52 -14.94
N ASP A 22 0.09 -26.38 -16.08
CA ASP A 22 1.47 -26.85 -16.23
C ASP A 22 2.45 -26.20 -15.27
N MSE A 23 2.26 -24.89 -15.02
CA MSE A 23 3.19 -24.18 -14.14
C MSE A 23 3.05 -24.60 -12.70
O MSE A 23 4.02 -24.86 -11.94
CB MSE A 23 2.92 -22.66 -14.24
CG MSE A 23 3.23 -22.03 -15.51
SE MSE A 23 2.41 -20.23 -15.76
CE MSE A 23 3.16 -19.68 -14.24
N VAL A 24 1.79 -24.69 -12.25
CA VAL A 24 1.47 -25.20 -10.94
C VAL A 24 1.95 -26.64 -10.71
N GLN A 25 1.78 -27.45 -11.76
CA GLN A 25 2.20 -28.84 -11.65
C GLN A 25 3.74 -28.97 -11.52
N LYS A 26 4.47 -28.20 -12.30
CA LYS A 26 5.92 -28.26 -12.33
C LYS A 26 6.46 -27.76 -11.00
N ALA A 27 5.86 -26.67 -10.48
CA ALA A 27 6.18 -26.23 -9.12
C ALA A 27 5.77 -27.14 -7.97
N ASN A 28 4.84 -28.07 -8.25
CA ASN A 28 4.14 -28.80 -7.20
C ASN A 28 3.57 -27.91 -6.11
N SER A 29 3.07 -26.76 -6.53
CA SER A 29 2.65 -25.73 -5.59
C SER A 29 1.83 -24.69 -6.39
N GLY A 30 0.75 -24.19 -5.78
CA GLY A 30 0.01 -23.08 -6.37
C GLY A 30 -1.44 -23.36 -6.62
N HIS A 31 -2.08 -22.53 -7.40
CA HIS A 31 -3.54 -22.42 -7.41
C HIS A 31 -3.97 -22.53 -8.82
N PRO A 32 -4.52 -23.72 -9.20
CA PRO A 32 -5.02 -23.93 -10.56
C PRO A 32 -6.51 -23.64 -10.79
N GLY A 33 -7.29 -23.66 -9.73
CA GLY A 33 -8.76 -23.49 -9.87
C GLY A 33 -9.23 -22.18 -10.44
N ALA A 34 -8.69 -21.09 -9.88
CA ALA A 34 -9.06 -19.75 -10.34
C ALA A 34 -8.58 -19.50 -11.75
N PRO A 35 -7.30 -19.86 -12.05
CA PRO A 35 -6.86 -19.66 -13.44
C PRO A 35 -7.80 -20.30 -14.47
N LEU A 36 -8.16 -21.55 -14.20
CA LEU A 36 -9.04 -22.28 -15.12
C LEU A 36 -10.43 -21.70 -15.19
N GLY A 37 -10.95 -21.23 -14.04
CA GLY A 37 -12.22 -20.59 -14.07
C GLY A 37 -12.27 -19.19 -14.68
N LEU A 38 -11.16 -18.48 -14.73
CA LEU A 38 -11.09 -17.17 -15.27
C LEU A 38 -10.58 -17.03 -16.72
N ALA A 39 -10.15 -18.14 -17.31
CA ALA A 39 -9.44 -18.19 -18.60
C ALA A 39 -10.30 -17.71 -19.73
N ASP A 40 -11.63 -17.99 -19.71
CA ASP A 40 -12.49 -17.47 -20.75
C ASP A 40 -12.66 -15.98 -20.66
N ILE A 41 -12.90 -15.46 -19.46
CA ILE A 41 -13.01 -14.07 -19.27
C ILE A 41 -11.74 -13.37 -19.74
N LEU A 42 -10.59 -13.83 -19.28
CA LEU A 42 -9.38 -13.12 -19.65
C LEU A 42 -9.09 -13.15 -21.18
N SER A 43 -9.35 -14.29 -21.81
CA SER A 43 -9.31 -14.35 -23.29
C SER A 43 -10.09 -13.23 -23.97
N VAL A 44 -11.35 -13.04 -23.58
CA VAL A 44 -12.14 -11.93 -24.14
C VAL A 44 -11.60 -10.56 -23.77
N LEU A 45 -11.24 -10.40 -22.49
CA LEU A 45 -10.76 -9.12 -22.03
C LEU A 45 -9.50 -8.67 -22.79
N SER A 46 -8.69 -9.60 -23.26
CA SER A 46 -7.48 -9.28 -24.02
C SER A 46 -7.81 -8.47 -25.29
N TYR A 47 -9.03 -8.59 -25.83
CA TYR A 47 -9.47 -7.83 -26.96
C TYR A 47 -9.87 -6.44 -26.64
N HIS A 48 -10.17 -6.21 -25.36
CA HIS A 48 -10.58 -4.89 -24.93
C HIS A 48 -9.50 -4.05 -24.27
N LEU A 49 -8.55 -4.71 -23.62
CA LEU A 49 -7.47 -4.02 -22.87
C LEU A 49 -6.53 -3.14 -23.76
N LYS A 50 -6.31 -1.87 -23.45
CA LYS A 50 -5.43 -0.97 -24.14
C LYS A 50 -4.16 -0.96 -23.30
N HIS A 51 -3.08 -1.43 -23.87
CA HIS A 51 -1.80 -1.51 -23.13
C HIS A 51 -0.67 -1.69 -24.13
N ASN A 52 0.53 -1.30 -23.76
CA ASN A 52 1.71 -1.55 -24.54
C ASN A 52 2.70 -2.48 -23.80
N PRO A 53 2.75 -3.79 -24.18
CA PRO A 53 3.58 -4.78 -23.55
C PRO A 53 5.02 -4.35 -23.53
N LYS A 54 5.43 -3.50 -24.46
CA LYS A 54 6.81 -3.06 -24.53
C LYS A 54 7.06 -1.79 -23.79
N ASN A 55 6.01 -1.18 -23.24
CA ASN A 55 6.16 -0.03 -22.36
C ASN A 55 5.04 -0.11 -21.26
N PRO A 56 5.28 -0.89 -20.20
CA PRO A 56 4.30 -1.06 -19.10
C PRO A 56 4.12 0.15 -18.28
N THR A 57 4.93 1.20 -18.51
CA THR A 57 4.71 2.49 -17.88
C THR A 57 3.93 3.54 -18.64
N TRP A 58 3.40 3.21 -19.82
CA TRP A 58 2.56 4.16 -20.55
C TRP A 58 1.43 4.71 -19.63
N LEU A 59 1.35 6.04 -19.47
CA LEU A 59 0.53 6.61 -18.44
C LEU A 59 -0.94 6.37 -18.64
N ASN A 60 -1.37 6.28 -19.91
CA ASN A 60 -2.79 6.09 -20.23
C ASN A 60 -3.21 4.70 -20.59
N ARG A 61 -2.42 3.74 -20.21
CA ARG A 61 -2.82 2.37 -20.33
C ARG A 61 -4.00 2.01 -19.42
N ASP A 62 -4.81 1.06 -19.81
CA ASP A 62 -5.80 0.47 -18.91
C ASP A 62 -5.00 -0.27 -17.80
N ARG A 63 -5.46 -0.14 -16.61
CA ARG A 63 -4.78 -0.73 -15.44
C ARG A 63 -5.61 -1.97 -15.14
N LEU A 64 -4.95 -3.12 -15.09
CA LEU A 64 -5.47 -4.44 -14.86
C LEU A 64 -4.99 -4.91 -13.47
N VAL A 65 -5.93 -5.17 -12.57
CA VAL A 65 -5.58 -5.70 -11.21
C VAL A 65 -6.20 -7.07 -10.96
N PHE A 66 -5.38 -8.03 -10.58
CA PHE A 66 -5.88 -9.36 -10.16
C PHE A 66 -5.95 -9.31 -8.63
N SER A 67 -7.11 -9.01 -8.07
CA SER A 67 -7.24 -9.00 -6.58
C SER A 67 -7.02 -10.32 -5.91
N GLY A 68 -7.40 -11.37 -6.58
CA GLY A 68 -7.15 -12.72 -6.16
C GLY A 68 -5.77 -13.04 -6.67
N GLY A 69 -4.76 -12.68 -5.90
CA GLY A 69 -3.38 -12.84 -6.40
C GLY A 69 -2.93 -14.30 -6.44
N HIS A 70 -3.71 -15.20 -5.83
CA HIS A 70 -3.43 -16.63 -6.00
C HIS A 70 -3.65 -17.09 -7.41
N ALA A 71 -4.25 -16.26 -8.27
CA ALA A 71 -4.43 -16.51 -9.68
C ALA A 71 -3.21 -16.12 -10.54
N SER A 72 -2.10 -15.96 -9.85
CA SER A 72 -0.82 -15.48 -10.46
C SER A 72 -0.39 -16.24 -11.74
N ALA A 73 -0.52 -17.54 -11.72
CA ALA A 73 -0.16 -18.24 -12.99
C ALA A 73 -0.90 -17.81 -14.22
N LEU A 74 -2.18 -17.50 -14.08
CA LEU A 74 -2.91 -16.92 -15.18
C LEU A 74 -2.41 -15.52 -15.64
N LEU A 75 -2.15 -14.61 -14.67
CA LEU A 75 -1.51 -13.37 -14.95
C LEU A 75 -0.18 -13.56 -15.76
N TYR A 76 0.66 -14.41 -15.23
CA TYR A 76 1.99 -14.63 -15.85
C TYR A 76 1.86 -15.19 -17.27
N SER A 77 0.95 -16.10 -17.45
CA SER A 77 0.69 -16.68 -18.76
C SER A 77 0.29 -15.62 -19.75
N PHE A 78 -0.64 -14.77 -19.35
CA PHE A 78 -1.10 -13.68 -20.16
C PHE A 78 0.00 -12.64 -20.48
N LEU A 79 0.80 -12.25 -19.47
CA LEU A 79 1.89 -11.32 -19.71
C LEU A 79 2.88 -11.92 -20.77
N HIS A 80 3.22 -13.20 -20.59
CA HIS A 80 4.11 -13.88 -21.53
C HIS A 80 3.51 -13.89 -22.93
N LEU A 81 2.25 -14.28 -23.03
CA LEU A 81 1.66 -14.45 -24.34
C LEU A 81 1.47 -13.14 -25.05
N SER A 82 1.24 -12.05 -24.29
CA SER A 82 0.94 -10.73 -24.86
C SER A 82 2.23 -9.98 -25.25
N GLY A 83 3.40 -10.45 -24.82
CA GLY A 83 4.64 -9.80 -25.25
C GLY A 83 5.42 -8.98 -24.28
N TYR A 84 5.07 -9.13 -23.00
CA TYR A 84 5.77 -8.51 -21.92
C TYR A 84 7.10 -9.21 -21.74
N ASP A 85 7.96 -8.60 -20.97
CA ASP A 85 9.25 -9.17 -20.70
C ASP A 85 9.20 -10.30 -19.65
N LEU A 86 8.60 -11.42 -20.00
CA LEU A 86 8.49 -12.56 -19.12
C LEU A 86 8.53 -13.68 -20.09
N SER A 87 9.45 -14.62 -19.90
CA SER A 87 9.71 -15.63 -20.93
C SER A 87 9.07 -16.93 -20.56
N LEU A 88 9.13 -17.84 -21.49
CA LEU A 88 8.63 -19.15 -21.22
C LEU A 88 9.44 -19.86 -20.14
N GLU A 89 10.76 -19.71 -20.13
CA GLU A 89 11.57 -20.28 -19.07
C GLU A 89 11.14 -19.67 -17.69
N ASP A 90 10.86 -18.36 -17.65
CA ASP A 90 10.35 -17.74 -16.41
C ASP A 90 9.06 -18.50 -15.92
N LEU A 91 8.14 -18.80 -16.82
CA LEU A 91 6.97 -19.58 -16.46
C LEU A 91 7.30 -20.96 -15.84
N LYS A 92 8.34 -21.63 -16.38
CA LYS A 92 8.78 -22.88 -15.85
C LYS A 92 9.51 -22.75 -14.51
N ASN A 93 9.78 -21.51 -14.06
CA ASN A 93 10.34 -21.28 -12.77
C ASN A 93 9.33 -20.69 -11.74
N PHE A 94 8.04 -20.87 -12.04
CA PHE A 94 7.00 -20.48 -11.09
C PHE A 94 7.28 -20.95 -9.69
N ARG A 95 7.15 -20.03 -8.74
CA ARG A 95 7.23 -20.24 -7.33
C ARG A 95 8.60 -20.68 -6.82
N GLN A 96 9.62 -20.55 -7.69
CA GLN A 96 11.01 -20.88 -7.30
C GLN A 96 11.82 -19.65 -6.86
N LEU A 97 12.74 -19.90 -5.95
CA LEU A 97 13.58 -18.87 -5.40
C LEU A 97 14.25 -18.05 -6.48
N HIS A 98 14.08 -16.71 -6.39
CA HIS A 98 14.64 -15.73 -7.31
C HIS A 98 14.07 -15.66 -8.72
N SER A 99 12.96 -16.36 -8.94
CA SER A 99 12.32 -16.26 -10.25
C SER A 99 11.55 -14.99 -10.41
N LYS A 100 11.20 -14.72 -11.66
CA LYS A 100 10.36 -13.53 -12.02
C LYS A 100 8.86 -13.87 -11.84
N THR A 101 8.57 -15.13 -11.45
CA THR A 101 7.19 -15.58 -11.32
C THR A 101 6.87 -16.09 -9.90
N PRO A 102 6.94 -15.24 -8.85
CA PRO A 102 6.70 -15.61 -7.50
C PRO A 102 5.16 -16.01 -7.29
N GLY A 103 4.89 -16.72 -6.20
CA GLY A 103 3.56 -17.32 -5.89
C GLY A 103 2.40 -16.34 -5.94
N HIS A 104 2.64 -15.08 -5.47
CA HIS A 104 1.73 -13.98 -5.66
C HIS A 104 2.40 -12.79 -6.35
N PRO A 105 1.61 -11.98 -7.08
CA PRO A 105 2.32 -11.02 -7.95
C PRO A 105 3.02 -9.92 -7.23
N GLU A 106 4.22 -9.61 -7.70
CA GLU A 106 5.12 -8.55 -7.16
C GLU A 106 5.43 -7.56 -8.26
N ILE A 107 5.60 -6.26 -7.93
CA ILE A 107 5.75 -5.26 -8.96
C ILE A 107 7.17 -5.29 -9.66
N SER A 108 8.07 -6.03 -9.05
CA SER A 108 9.37 -6.27 -9.66
C SER A 108 9.22 -7.07 -10.98
N THR A 109 8.09 -7.81 -11.14
CA THR A 109 7.76 -8.42 -12.41
C THR A 109 7.07 -7.39 -13.30
N LEU A 110 7.72 -7.00 -14.41
CA LEU A 110 7.18 -5.86 -15.21
C LEU A 110 5.84 -6.33 -15.85
N GLY A 111 4.84 -5.46 -15.83
CA GLY A 111 3.54 -5.83 -16.21
C GLY A 111 2.58 -5.96 -15.04
N VAL A 112 3.14 -6.19 -13.84
CA VAL A 112 2.30 -6.26 -12.65
C VAL A 112 1.98 -4.94 -12.06
N GLU A 113 0.71 -4.58 -11.95
CA GLU A 113 0.38 -3.22 -11.62
C GLU A 113 0.57 -2.90 -10.14
N ILE A 114 0.30 -3.89 -9.28
CA ILE A 114 0.31 -3.71 -7.83
C ILE A 114 0.44 -5.08 -7.21
N ALA A 115 1.18 -5.17 -6.10
CA ALA A 115 1.31 -6.44 -5.41
C ALA A 115 -0.06 -6.84 -4.80
N THR A 116 -0.47 -8.08 -4.94
CA THR A 116 -1.71 -8.54 -4.29
C THR A 116 -1.42 -9.95 -3.69
N GLY A 117 -2.41 -10.54 -3.01
CA GLY A 117 -2.09 -11.68 -2.11
C GLY A 117 -2.96 -11.61 -0.85
N PRO A 118 -2.98 -10.50 -0.18
CA PRO A 118 -3.90 -10.32 0.93
C PRO A 118 -5.23 -9.93 0.34
N LEU A 119 -6.26 -10.68 0.61
CA LEU A 119 -7.51 -10.50 -0.11
C LEU A 119 -8.17 -9.19 0.24
N GLY A 120 -8.93 -8.71 -0.72
CA GLY A 120 -9.57 -7.41 -0.61
C GLY A 120 -8.69 -6.27 -1.03
N GLN A 121 -7.37 -6.41 -0.88
CA GLN A 121 -6.52 -5.19 -1.10
C GLN A 121 -6.73 -4.71 -2.55
N GLY A 122 -6.71 -5.64 -3.48
CA GLY A 122 -6.79 -5.38 -4.89
C GLY A 122 -7.98 -4.60 -5.34
N VAL A 123 -9.11 -4.95 -4.78
CA VAL A 123 -10.33 -4.25 -5.09
C VAL A 123 -10.18 -2.78 -4.67
N ALA A 124 -9.64 -2.54 -3.45
CA ALA A 124 -9.45 -1.19 -3.01
C ALA A 124 -8.35 -0.49 -3.84
N ASN A 125 -7.32 -1.22 -4.23
CA ASN A 125 -6.25 -0.67 -5.08
C ASN A 125 -6.89 -0.19 -6.45
N ALA A 126 -7.79 -1.04 -6.97
CA ALA A 126 -8.46 -0.74 -8.28
C ALA A 126 -9.34 0.50 -8.14
N VAL A 127 -10.08 0.65 -7.01
CA VAL A 127 -10.78 1.93 -6.79
C VAL A 127 -9.77 3.04 -6.73
N GLY A 128 -8.64 2.87 -6.03
CA GLY A 128 -7.68 3.89 -5.98
C GLY A 128 -7.07 4.30 -7.38
N PHE A 129 -6.83 3.31 -8.25
CA PHE A 129 -6.39 3.60 -9.58
C PHE A 129 -7.42 4.40 -10.36
N ALA A 130 -8.68 4.13 -10.05
CA ALA A 130 -9.83 4.81 -10.74
C ALA A 130 -9.92 6.25 -10.24
N MSE A 131 -9.78 6.43 -8.92
CA MSE A 131 -9.69 7.78 -8.38
C MSE A 131 -8.48 8.55 -8.88
O MSE A 131 -8.60 9.81 -9.14
CB MSE A 131 -9.73 7.77 -6.81
CG MSE A 131 -11.01 7.18 -6.25
SE MSE A 131 -11.07 7.19 -4.28
CE MSE A 131 -11.14 8.99 -3.97
N ALA A 132 -7.32 7.96 -8.90
CA ALA A 132 -6.10 8.59 -9.32
C ALA A 132 -6.25 9.00 -10.85
N ALA A 133 -6.90 8.13 -11.62
CA ALA A 133 -7.22 8.46 -13.04
C ALA A 133 -8.11 9.64 -13.15
N LYS A 134 -9.15 9.72 -12.28
CA LYS A 134 -9.95 10.95 -12.32
C LYS A 134 -9.23 12.19 -11.99
N LYS A 135 -8.29 12.11 -11.01
CA LYS A 135 -7.52 13.24 -10.70
C LYS A 135 -6.50 13.61 -11.79
N ALA A 136 -5.92 12.60 -12.39
CA ALA A 136 -4.99 12.77 -13.46
C ALA A 136 -5.75 13.49 -14.67
N GLN A 137 -6.97 13.09 -14.93
CA GLN A 137 -7.80 13.75 -15.95
C GLN A 137 -8.07 15.17 -15.55
N ASN A 138 -8.29 15.46 -14.28
CA ASN A 138 -8.46 16.82 -13.84
C ASN A 138 -7.26 17.72 -14.11
N LEU A 139 -6.07 17.18 -13.90
CA LEU A 139 -4.86 17.86 -14.13
C LEU A 139 -4.42 17.98 -15.60
N LEU A 140 -4.54 16.90 -16.34
CA LEU A 140 -3.92 16.79 -17.64
C LEU A 140 -4.96 16.88 -18.77
N GLY A 141 -6.23 16.68 -18.48
CA GLY A 141 -7.31 16.70 -19.52
C GLY A 141 -7.83 15.37 -19.96
N SER A 142 -9.08 15.30 -20.43
CA SER A 142 -9.64 14.05 -20.92
C SER A 142 -9.11 13.59 -22.27
N ASP A 143 -8.40 14.50 -22.97
CA ASP A 143 -7.65 14.13 -24.19
C ASP A 143 -6.43 13.30 -23.86
N LEU A 144 -5.85 13.51 -22.65
CA LEU A 144 -4.70 12.72 -22.26
C LEU A 144 -4.96 11.53 -21.27
N ILE A 145 -6.03 11.62 -20.47
CA ILE A 145 -6.36 10.54 -19.55
C ILE A 145 -7.78 10.12 -19.74
N ASP A 146 -7.99 8.89 -20.18
CA ASP A 146 -9.31 8.35 -20.51
C ASP A 146 -9.42 6.84 -20.39
N HIS A 147 -8.48 6.26 -19.71
CA HIS A 147 -8.43 4.80 -19.63
C HIS A 147 -9.38 4.12 -18.64
N LYS A 148 -9.45 2.79 -18.72
CA LYS A 148 -10.26 1.98 -17.83
C LYS A 148 -9.34 1.36 -16.73
N ILE A 149 -10.02 0.94 -15.69
CA ILE A 149 -9.42 0.16 -14.60
C ILE A 149 -10.22 -1.12 -14.48
N TYR A 150 -9.64 -2.28 -14.75
CA TYR A 150 -10.30 -3.52 -14.63
C TYR A 150 -9.76 -4.25 -13.42
N CYS A 151 -10.65 -4.83 -12.64
CA CYS A 151 -10.25 -5.67 -11.51
C CYS A 151 -10.95 -7.00 -11.58
N LEU A 152 -10.17 -8.07 -11.41
CA LEU A 152 -10.73 -9.44 -11.29
C LEU A 152 -10.68 -9.83 -9.83
N CYS A 153 -11.82 -10.18 -9.22
CA CYS A 153 -11.85 -10.50 -7.79
C CYS A 153 -12.69 -11.78 -7.60
N GLY A 154 -12.61 -12.37 -6.42
CA GLY A 154 -13.36 -13.56 -6.12
C GLY A 154 -14.19 -13.35 -4.86
N ASP A 155 -14.72 -14.47 -4.38
CA ASP A 155 -15.52 -14.52 -3.10
C ASP A 155 -14.78 -13.94 -1.96
N GLY A 156 -13.55 -14.32 -1.84
CA GLY A 156 -12.72 -13.95 -0.75
C GLY A 156 -12.56 -12.41 -0.67
N ASP A 157 -12.32 -11.82 -1.82
CA ASP A 157 -12.18 -10.35 -1.84
C ASP A 157 -13.46 -9.65 -1.33
N LEU A 158 -14.60 -10.13 -1.80
CA LEU A 158 -15.83 -9.41 -1.52
C LEU A 158 -16.41 -9.65 -0.11
N GLN A 159 -15.86 -10.62 0.61
CA GLN A 159 -16.19 -10.81 2.03
C GLN A 159 -15.43 -9.92 2.95
N GLU A 160 -14.28 -9.51 2.49
CA GLU A 160 -13.42 -8.61 3.32
C GLU A 160 -14.01 -7.23 3.43
N GLY A 161 -14.00 -6.69 4.64
CA GLY A 161 -14.49 -5.36 4.86
C GLY A 161 -13.93 -4.24 4.00
N ILE A 162 -12.65 -4.36 3.63
CA ILE A 162 -12.00 -3.32 2.83
C ILE A 162 -12.68 -3.18 1.47
N SER A 163 -13.25 -4.28 0.96
CA SER A 163 -13.97 -4.22 -0.34
C SER A 163 -15.20 -3.33 -0.31
N TYR A 164 -15.98 -3.46 0.79
CA TYR A 164 -17.18 -2.66 0.99
C TYR A 164 -16.77 -1.21 1.14
N GLU A 165 -15.72 -0.93 1.95
CA GLU A 165 -15.20 0.45 2.16
C GLU A 165 -14.86 1.08 0.84
N ALA A 166 -14.04 0.39 0.04
CA ALA A 166 -13.56 0.97 -1.22
C ALA A 166 -14.68 1.13 -2.24
N CYS A 167 -15.57 0.20 -2.32
CA CYS A 167 -16.72 0.30 -3.27
C CYS A 167 -17.68 1.43 -2.88
N SER A 168 -17.82 1.65 -1.57
CA SER A 168 -18.61 2.82 -1.08
C SER A 168 -18.08 4.09 -1.67
N LEU A 169 -16.77 4.26 -1.61
CA LEU A 169 -16.16 5.41 -2.21
C LEU A 169 -16.32 5.45 -3.78
N ALA A 170 -16.25 4.30 -4.43
CA ALA A 170 -16.27 4.25 -5.88
C ALA A 170 -17.65 4.78 -6.32
N GLY A 171 -18.68 4.42 -5.56
CA GLY A 171 -20.09 4.94 -5.88
C GLY A 171 -20.22 6.41 -5.67
N LEU A 172 -19.78 6.88 -4.51
CA LEU A 172 -19.78 8.32 -4.17
C LEU A 172 -19.14 9.16 -5.22
N HIS A 173 -17.97 8.73 -5.71
CA HIS A 173 -17.21 9.50 -6.64
C HIS A 173 -17.58 9.23 -8.10
N LYS A 174 -18.53 8.33 -8.33
CA LYS A 174 -19.11 8.09 -9.69
C LYS A 174 -17.96 7.69 -10.62
N LEU A 175 -17.20 6.68 -10.14
CA LEU A 175 -16.05 6.22 -10.90
C LEU A 175 -16.43 5.32 -12.12
N ASP A 176 -16.86 6.02 -13.19
CA ASP A 176 -17.32 5.39 -14.43
C ASP A 176 -16.20 4.93 -15.37
N ASN A 177 -14.99 4.83 -14.80
CA ASN A 177 -13.83 4.28 -15.44
C ASN A 177 -13.44 2.90 -14.79
N PHE A 178 -14.25 2.43 -13.83
CA PHE A 178 -13.93 1.27 -12.97
C PHE A 178 -14.87 0.14 -13.33
N ILE A 179 -14.27 -0.99 -13.69
CA ILE A 179 -15.00 -2.15 -14.03
C ILE A 179 -14.47 -3.29 -13.16
N LEU A 180 -15.35 -3.82 -12.31
CA LEU A 180 -15.03 -4.93 -11.34
C LEU A 180 -15.67 -6.20 -11.85
N ILE A 181 -14.88 -7.24 -12.06
CA ILE A 181 -15.33 -8.51 -12.58
C ILE A 181 -15.22 -9.51 -11.46
N TYR A 182 -16.39 -9.93 -10.92
CA TYR A 182 -16.45 -10.92 -9.82
C TYR A 182 -16.62 -12.33 -10.31
N ASP A 183 -15.63 -13.15 -10.04
CA ASP A 183 -15.63 -14.57 -10.34
C ASP A 183 -16.46 -15.28 -9.29
N SER A 184 -17.75 -15.42 -9.58
CA SER A 184 -18.66 -16.15 -8.73
C SER A 184 -18.71 -17.65 -9.04
N ASN A 185 -17.89 -18.42 -8.33
CA ASN A 185 -17.81 -19.84 -8.52
C ASN A 185 -18.39 -20.75 -7.38
N ASN A 186 -18.99 -20.12 -6.37
CA ASN A 186 -19.64 -20.78 -5.27
CA ASN A 186 -19.61 -20.78 -5.26
C ASN A 186 -18.73 -21.63 -4.43
N ILE A 187 -17.41 -21.46 -4.55
CA ILE A 187 -16.45 -22.30 -3.80
C ILE A 187 -15.40 -21.48 -3.09
N SER A 188 -15.06 -21.86 -1.85
CA SER A 188 -13.87 -21.30 -1.17
C SER A 188 -13.15 -22.40 -0.55
N ILE A 189 -12.14 -22.12 0.29
CA ILE A 189 -11.29 -23.18 0.77
C ILE A 189 -12.08 -24.19 1.66
N GLU A 190 -13.03 -23.69 2.44
CA GLU A 190 -13.90 -24.50 3.34
C GLU A 190 -15.09 -25.18 2.63
N GLY A 191 -15.23 -24.95 1.33
CA GLY A 191 -16.22 -25.66 0.51
C GLY A 191 -17.20 -24.64 -0.07
N ASP A 192 -18.51 -24.89 0.09
CA ASP A 192 -19.49 -24.12 -0.55
C ASP A 192 -19.53 -22.74 0.09
N VAL A 193 -19.62 -21.74 -0.76
CA VAL A 193 -19.66 -20.34 -0.28
C VAL A 193 -20.86 -20.10 0.63
N GLY A 194 -21.95 -20.80 0.39
CA GLY A 194 -23.13 -20.60 1.23
C GLY A 194 -23.01 -20.98 2.70
N LEU A 195 -21.94 -21.65 3.07
CA LEU A 195 -21.59 -21.94 4.49
C LEU A 195 -21.41 -20.60 5.21
N ALA A 196 -20.98 -19.58 4.46
CA ALA A 196 -20.54 -18.32 5.12
C ALA A 196 -21.03 -17.04 4.45
N PHE A 197 -21.75 -17.12 3.32
CA PHE A 197 -22.09 -15.93 2.55
C PHE A 197 -23.31 -16.19 1.66
N ASN A 198 -24.27 -15.34 1.82
CA ASN A 198 -25.52 -15.39 0.96
C ASN A 198 -26.14 -14.04 0.69
N GLU A 199 -25.37 -12.96 0.64
CA GLU A 199 -25.83 -11.65 0.34
C GLU A 199 -26.38 -11.58 -1.07
N ASN A 200 -27.30 -10.67 -1.24
CA ASN A 200 -27.74 -10.26 -2.57
C ASN A 200 -26.70 -9.31 -3.13
N VAL A 201 -25.77 -9.87 -3.92
CA VAL A 201 -24.58 -9.06 -4.34
C VAL A 201 -25.00 -7.88 -5.24
N LYS A 202 -25.95 -8.10 -6.16
CA LYS A 202 -26.44 -7.04 -7.00
C LYS A 202 -26.99 -5.91 -6.23
N MSE A 203 -27.81 -6.27 -5.23
CA MSE A 203 -28.42 -5.24 -4.37
CA MSE A 203 -28.43 -5.25 -4.40
C MSE A 203 -27.39 -4.53 -3.55
O MSE A 203 -27.47 -3.33 -3.36
CB MSE A 203 -29.53 -5.79 -3.46
CB MSE A 203 -29.61 -5.85 -3.59
CG MSE A 203 -30.23 -4.67 -2.72
CG MSE A 203 -30.73 -6.41 -4.51
SE MSE A 203 -31.74 -5.34 -1.56
SE MSE A 203 -31.80 -5.02 -5.38
CE MSE A 203 -31.85 -7.10 -2.20
CE MSE A 203 -32.88 -4.53 -3.84
N ARG A 204 -26.42 -5.25 -3.02
CA ARG A 204 -25.33 -4.61 -2.31
C ARG A 204 -24.66 -3.48 -3.10
N PHE A 205 -24.28 -3.79 -4.35
CA PHE A 205 -23.52 -2.90 -5.16
C PHE A 205 -24.35 -1.76 -5.76
N GLU A 206 -25.65 -2.07 -6.02
CA GLU A 206 -26.54 -1.00 -6.40
C GLU A 206 -26.73 -0.02 -5.31
N ALA A 207 -26.67 -0.54 -4.06
CA ALA A 207 -26.79 0.37 -2.87
C ALA A 207 -25.62 1.31 -2.77
N GLN A 208 -24.49 0.93 -3.35
CA GLN A 208 -23.30 1.71 -3.40
C GLN A 208 -23.00 2.39 -4.72
N GLY A 209 -24.04 2.57 -5.56
CA GLY A 209 -23.99 3.39 -6.72
C GLY A 209 -23.36 2.73 -7.98
N PHE A 210 -23.35 1.41 -8.07
CA PHE A 210 -22.78 0.65 -9.24
C PHE A 210 -23.94 0.25 -10.20
N GLU A 211 -23.57 0.11 -11.45
CA GLU A 211 -24.35 -0.65 -12.39
C GLU A 211 -23.93 -2.09 -12.32
N VAL A 212 -24.88 -3.00 -12.32
CA VAL A 212 -24.57 -4.38 -12.18
C VAL A 212 -25.06 -5.29 -13.30
N LEU A 213 -24.12 -6.00 -13.90
CA LEU A 213 -24.41 -7.06 -14.94
C LEU A 213 -24.16 -8.42 -14.43
N SER A 214 -24.92 -9.38 -14.95
CA SER A 214 -24.75 -10.74 -14.55
C SER A 214 -24.66 -11.62 -15.76
N ILE A 215 -23.64 -12.44 -15.83
CA ILE A 215 -23.35 -13.28 -16.99
C ILE A 215 -22.86 -14.64 -16.65
N ASN A 216 -22.84 -15.54 -17.66
CA ASN A 216 -22.16 -16.80 -17.63
C ASN A 216 -20.73 -16.47 -18.01
N GLY A 217 -19.80 -16.70 -17.09
CA GLY A 217 -18.39 -16.37 -17.38
C GLY A 217 -17.64 -17.34 -18.25
N HIS A 218 -18.34 -18.39 -18.77
CA HIS A 218 -17.79 -19.25 -19.80
C HIS A 218 -18.45 -19.09 -21.12
N ASP A 219 -19.27 -18.07 -21.29
CA ASP A 219 -19.89 -17.80 -22.61
C ASP A 219 -19.27 -16.60 -23.27
N TYR A 220 -18.50 -16.85 -24.33
CA TYR A 220 -17.68 -15.75 -24.85
C TYR A 220 -18.47 -14.55 -25.35
N GLU A 221 -19.61 -14.78 -26.02
CA GLU A 221 -20.43 -13.64 -26.47
C GLU A 221 -21.02 -12.88 -25.30
N GLU A 222 -21.46 -13.59 -24.28
CA GLU A 222 -22.01 -12.85 -23.09
C GLU A 222 -20.93 -12.05 -22.41
N ILE A 223 -19.72 -12.61 -22.36
CA ILE A 223 -18.57 -11.85 -21.71
C ILE A 223 -18.32 -10.64 -22.49
N ASN A 224 -18.22 -10.80 -23.82
CA ASN A 224 -18.00 -9.68 -24.64
C ASN A 224 -19.05 -8.56 -24.61
N LYS A 225 -20.34 -8.96 -24.64
CA LYS A 225 -21.43 -8.01 -24.58
C LYS A 225 -21.37 -7.25 -23.22
N ALA A 226 -21.04 -7.96 -22.17
CA ALA A 226 -21.00 -7.28 -20.84
C ALA A 226 -19.86 -6.27 -20.72
N LEU A 227 -18.71 -6.63 -21.30
CA LEU A 227 -17.65 -5.66 -21.35
C LEU A 227 -17.95 -4.46 -22.19
N GLU A 228 -18.60 -4.65 -23.35
CA GLU A 228 -19.03 -3.51 -24.11
C GLU A 228 -19.99 -2.61 -23.33
N GLN A 229 -20.95 -3.20 -22.65
CA GLN A 229 -21.93 -2.39 -21.88
C GLN A 229 -21.22 -1.71 -20.71
N ALA A 230 -20.31 -2.46 -20.09
CA ALA A 230 -19.60 -1.89 -18.94
C ALA A 230 -18.75 -0.70 -19.31
N LYS A 231 -18.11 -0.74 -20.47
CA LYS A 231 -17.30 0.36 -20.91
C LYS A 231 -18.07 1.64 -21.19
N LYS A 232 -19.37 1.52 -21.44
CA LYS A 232 -20.25 2.67 -21.64
C LYS A 232 -21.03 3.11 -20.41
N SER A 233 -20.84 2.45 -19.26
CA SER A 233 -21.58 2.79 -18.07
C SER A 233 -21.34 4.20 -17.56
N THR A 234 -22.33 4.81 -16.87
CA THR A 234 -22.14 6.12 -16.25
C THR A 234 -21.87 5.94 -14.69
N LYS A 235 -21.71 4.71 -14.27
CA LYS A 235 -21.42 4.38 -12.86
C LYS A 235 -20.24 3.44 -12.85
N PRO A 236 -19.60 3.26 -11.67
CA PRO A 236 -18.78 2.10 -11.55
C PRO A 236 -19.56 0.88 -11.85
N CYS A 237 -18.93 -0.09 -12.53
CA CYS A 237 -19.69 -1.28 -12.97
C CYS A 237 -19.17 -2.57 -12.36
N LEU A 238 -20.05 -3.44 -11.97
CA LEU A 238 -19.77 -4.82 -11.52
C LEU A 238 -20.35 -5.78 -12.52
N ILE A 239 -19.49 -6.64 -13.02
CA ILE A 239 -19.88 -7.82 -13.72
C ILE A 239 -19.84 -9.02 -12.83
N ILE A 240 -21.00 -9.63 -12.60
CA ILE A 240 -21.03 -10.86 -11.83
C ILE A 240 -20.97 -12.01 -12.80
N ALA A 241 -19.83 -12.70 -12.80
CA ALA A 241 -19.54 -13.75 -13.78
C ALA A 241 -19.59 -15.10 -13.10
N LYS A 242 -20.65 -15.84 -13.32
CA LYS A 242 -20.80 -17.15 -12.80
C LYS A 242 -19.88 -18.11 -13.57
N THR A 243 -18.94 -18.71 -12.85
CA THR A 243 -17.94 -19.64 -13.39
C THR A 243 -17.92 -20.92 -12.53
N THR A 244 -17.25 -21.90 -13.08
CA THR A 244 -16.99 -23.11 -12.42
C THR A 244 -15.50 -23.15 -12.09
N ILE A 245 -15.19 -23.34 -10.83
CA ILE A 245 -13.78 -23.43 -10.45
C ILE A 245 -13.13 -24.62 -11.18
N ALA A 246 -11.90 -24.45 -11.70
CA ALA A 246 -11.20 -25.54 -12.41
C ALA A 246 -11.97 -26.02 -13.68
N LYS A 247 -12.65 -25.09 -14.32
CA LYS A 247 -13.39 -25.32 -15.57
C LYS A 247 -12.42 -25.97 -16.52
N GLY A 248 -12.85 -27.09 -17.08
CA GLY A 248 -12.02 -27.86 -18.00
C GLY A 248 -11.28 -28.98 -17.40
N ALA A 249 -11.21 -29.08 -16.08
CA ALA A 249 -10.41 -30.09 -15.37
C ALA A 249 -11.17 -31.37 -14.87
N GLY A 250 -12.13 -31.80 -15.68
CA GLY A 250 -12.89 -33.02 -15.37
C GLY A 250 -13.39 -33.24 -13.96
N GLU A 251 -12.86 -34.25 -13.30
CA GLU A 251 -13.28 -34.61 -11.91
C GLU A 251 -13.04 -33.53 -10.87
N LEU A 252 -12.14 -32.60 -11.17
CA LEU A 252 -11.87 -31.46 -10.27
C LEU A 252 -12.71 -30.22 -10.55
N GLU A 253 -13.51 -30.21 -11.61
CA GLU A 253 -14.38 -29.10 -11.83
C GLU A 253 -15.28 -28.94 -10.65
N GLY A 254 -15.38 -27.71 -10.19
CA GLY A 254 -16.27 -27.40 -9.08
C GLY A 254 -15.78 -27.90 -7.70
N SER A 255 -14.57 -28.43 -7.61
CA SER A 255 -14.11 -28.97 -6.34
C SER A 255 -13.31 -27.96 -5.54
N HIS A 256 -13.55 -27.84 -4.24
CA HIS A 256 -12.72 -26.94 -3.39
C HIS A 256 -11.31 -27.46 -3.35
N LYS A 257 -11.09 -28.74 -3.69
CA LYS A 257 -9.75 -29.29 -3.75
C LYS A 257 -8.88 -28.69 -4.84
N SER A 258 -9.51 -28.09 -5.87
CA SER A 258 -8.77 -27.40 -6.99
C SER A 258 -8.29 -25.98 -6.60
N HIS A 259 -8.75 -25.45 -5.46
CA HIS A 259 -8.38 -24.06 -5.12
C HIS A 259 -6.87 -23.87 -5.06
N GLY A 260 -6.19 -24.75 -4.36
CA GLY A 260 -4.84 -24.44 -3.92
C GLY A 260 -3.88 -25.62 -3.87
N ALA A 261 -4.13 -26.61 -4.72
CA ALA A 261 -3.19 -27.72 -4.91
C ALA A 261 -3.14 -28.07 -6.34
N PRO A 262 -2.05 -28.70 -6.78
CA PRO A 262 -1.89 -29.03 -8.21
C PRO A 262 -3.01 -30.00 -8.62
N LEU A 263 -3.39 -29.94 -9.89
CA LEU A 263 -4.49 -30.80 -10.40
C LEU A 263 -4.09 -32.22 -10.53
N GLY A 264 -2.80 -32.49 -10.71
CA GLY A 264 -2.29 -33.88 -10.89
C GLY A 264 -2.07 -34.20 -12.36
N GLU A 265 -1.07 -35.02 -12.64
CA GLU A 265 -0.68 -35.33 -14.02
C GLU A 265 -1.82 -35.97 -14.83
N GLU A 266 -2.54 -36.92 -14.24
CA GLU A 266 -3.64 -37.60 -15.01
C GLU A 266 -4.80 -36.69 -15.32
N VAL A 267 -5.15 -35.82 -14.38
CA VAL A 267 -6.22 -34.83 -14.62
C VAL A 267 -5.84 -33.94 -15.75
N ILE A 268 -4.58 -33.47 -15.76
CA ILE A 268 -4.13 -32.56 -16.79
C ILE A 268 -4.13 -33.28 -18.20
N LYS A 269 -3.66 -34.53 -18.24
CA LYS A 269 -3.76 -35.31 -19.50
C LYS A 269 -5.19 -35.43 -20.04
N LYS A 270 -6.12 -35.82 -19.19
CA LYS A 270 -7.55 -35.86 -19.60
C LYS A 270 -8.07 -34.53 -20.05
N ALA A 271 -7.69 -33.44 -19.35
CA ALA A 271 -8.16 -32.14 -19.71
C ALA A 271 -7.69 -31.70 -21.09
N LYS A 272 -6.42 -31.97 -21.38
CA LYS A 272 -5.77 -31.64 -22.64
C LYS A 272 -6.45 -32.41 -23.79
N GLU A 273 -6.56 -33.70 -23.58
CA GLU A 273 -7.35 -34.58 -24.48
C GLU A 273 -8.73 -34.03 -24.86
N GLN A 274 -9.51 -33.64 -23.86
CA GLN A 274 -10.85 -33.12 -24.09
C GLN A 274 -10.84 -31.83 -24.85
N ALA A 275 -9.75 -31.04 -24.73
CA ALA A 275 -9.62 -29.74 -25.38
C ALA A 275 -8.93 -29.80 -26.76
N GLY A 276 -8.45 -30.97 -27.21
CA GLY A 276 -7.75 -31.06 -28.50
C GLY A 276 -6.23 -30.81 -28.42
N PHE A 277 -5.72 -30.69 -27.21
CA PHE A 277 -4.29 -30.49 -26.95
C PHE A 277 -3.55 -31.81 -26.83
N ASP A 278 -2.30 -31.87 -27.23
CA ASP A 278 -1.49 -33.07 -27.00
C ASP A 278 -1.18 -33.23 -25.54
N PRO A 279 -1.61 -34.32 -24.93
CA PRO A 279 -1.47 -34.58 -23.49
C PRO A 279 -0.07 -34.90 -23.01
N ASN A 280 0.82 -35.26 -23.95
CA ASN A 280 2.13 -35.72 -23.57
C ASN A 280 3.18 -34.68 -23.68
N ILE A 281 2.78 -33.42 -23.88
CA ILE A 281 3.77 -32.37 -23.78
C ILE A 281 3.26 -31.32 -22.77
N SER A 282 4.14 -30.43 -22.40
CA SER A 282 3.72 -29.32 -21.56
C SER A 282 4.28 -28.01 -22.07
N PHE A 283 3.72 -26.92 -21.53
CA PHE A 283 4.10 -25.59 -21.88
C PHE A 283 4.04 -25.32 -23.36
N HIS A 284 2.95 -25.77 -23.97
CA HIS A 284 2.77 -25.64 -25.40
C HIS A 284 1.88 -24.46 -25.74
N ILE A 285 2.30 -23.66 -26.70
CA ILE A 285 1.53 -22.55 -27.13
C ILE A 285 1.13 -22.74 -28.60
N PRO A 286 -0.14 -23.13 -28.86
CA PRO A 286 -0.58 -23.23 -30.26
C PRO A 286 -0.37 -22.01 -31.10
N GLN A 287 -0.08 -22.22 -32.40
CA GLN A 287 0.24 -21.12 -33.30
C GLN A 287 -0.78 -20.03 -33.40
N ALA A 288 -2.03 -20.37 -33.59
CA ALA A 288 -3.05 -19.36 -33.81
C ALA A 288 -3.16 -18.46 -32.56
N SER A 289 -3.16 -19.11 -31.41
CA SER A 289 -3.18 -18.40 -30.09
C SER A 289 -1.92 -17.55 -29.91
N LYS A 290 -0.76 -18.06 -30.28
CA LYS A 290 0.49 -17.29 -30.21
C LYS A 290 0.40 -16.00 -30.96
N ILE A 291 -0.05 -16.08 -32.23
CA ILE A 291 -0.11 -14.91 -33.08
C ILE A 291 -1.12 -13.92 -32.56
N ARG A 292 -2.28 -14.40 -32.18
CA ARG A 292 -3.38 -13.55 -31.72
C ARG A 292 -3.04 -12.77 -30.40
N PHE A 293 -2.54 -13.46 -29.40
CA PHE A 293 -2.13 -12.75 -28.15
C PHE A 293 -0.99 -11.78 -28.41
N GLU A 294 -0.02 -12.18 -29.26
CA GLU A 294 1.16 -11.34 -29.47
C GLU A 294 0.80 -10.10 -30.30
N SER A 295 -0.37 -10.10 -30.95
CA SER A 295 -0.79 -8.92 -31.70
C SER A 295 -0.90 -7.69 -30.81
N ALA A 296 -0.94 -7.92 -29.50
CA ALA A 296 -0.98 -6.83 -28.51
C ALA A 296 0.23 -5.92 -28.60
N VAL A 297 1.36 -6.47 -29.07
CA VAL A 297 2.55 -5.67 -29.21
C VAL A 297 2.39 -4.58 -30.29
N GLU A 298 2.07 -4.97 -31.52
CA GLU A 298 1.83 -4.00 -32.57
C GLU A 298 0.71 -3.02 -32.22
N LEU A 299 -0.43 -3.55 -31.76
CA LEU A 299 -1.54 -2.71 -31.39
C LEU A 299 -1.23 -1.73 -30.29
N GLY A 300 -0.49 -2.18 -29.26
CA GLY A 300 -0.15 -1.26 -28.15
C GLY A 300 0.88 -0.22 -28.50
N ASP A 301 1.78 -0.57 -29.43
CA ASP A 301 2.73 0.43 -29.92
C ASP A 301 2.01 1.57 -30.65
N LEU A 302 1.00 1.24 -31.43
CA LEU A 302 0.23 2.29 -32.16
C LEU A 302 -0.65 3.11 -31.23
N GLU A 303 -1.22 2.44 -30.20
CA GLU A 303 -2.07 3.19 -29.18
C GLU A 303 -1.18 4.18 -28.48
N GLU A 304 0.02 3.70 -28.05
CA GLU A 304 0.88 4.60 -27.34
C GLU A 304 1.38 5.73 -28.23
N ALA A 305 1.66 5.43 -29.51
CA ALA A 305 2.03 6.47 -30.44
C ALA A 305 1.00 7.57 -30.63
N LYS A 306 -0.24 7.19 -30.80
CA LYS A 306 -1.32 8.13 -30.92
C LYS A 306 -1.41 9.01 -29.73
N TRP A 307 -1.17 8.40 -28.53
CA TRP A 307 -1.20 9.19 -27.29
C TRP A 307 -0.10 10.18 -27.20
N LYS A 308 1.13 9.79 -27.60
CA LYS A 308 2.21 10.68 -27.58
C LYS A 308 2.03 11.86 -28.54
N ASP A 309 1.38 11.61 -29.64
CA ASP A 309 1.04 12.73 -30.56
C ASP A 309 0.07 13.69 -29.91
N LYS A 310 -0.92 13.16 -29.18
CA LYS A 310 -1.82 14.04 -28.41
C LYS A 310 -1.06 14.83 -27.34
N LEU A 311 -0.12 14.17 -26.66
CA LEU A 311 0.66 14.90 -25.70
C LEU A 311 1.47 16.04 -26.28
N GLU A 312 2.08 15.77 -27.46
CA GLU A 312 2.89 16.79 -28.11
C GLU A 312 2.03 18.01 -28.40
N LYS A 313 0.73 17.83 -28.70
CA LYS A 313 -0.19 18.96 -29.00
C LYS A 313 -0.70 19.67 -27.73
N SER A 314 -0.46 19.07 -26.57
CA SER A 314 -1.15 19.48 -25.32
C SER A 314 -0.51 20.70 -24.67
N ALA A 315 -1.28 21.56 -24.03
CA ALA A 315 -0.72 22.61 -23.19
C ALA A 315 -0.26 22.06 -21.81
N LYS A 316 -0.35 20.74 -21.64
CA LYS A 316 -0.04 20.12 -20.33
C LYS A 316 1.30 19.43 -20.24
N LYS A 317 2.11 19.52 -21.29
CA LYS A 317 3.44 18.89 -21.33
C LYS A 317 4.39 19.28 -20.21
N GLU A 318 4.51 20.59 -19.98
CA GLU A 318 5.42 21.12 -18.98
C GLU A 318 4.95 20.58 -17.53
N LEU A 319 3.64 20.51 -17.30
CA LEU A 319 3.09 20.04 -16.01
C LEU A 319 3.42 18.54 -15.86
N LEU A 320 3.18 17.76 -16.94
CA LEU A 320 3.43 16.30 -16.89
C LEU A 320 4.89 16.15 -16.53
N GLU A 321 5.78 16.90 -17.16
CA GLU A 321 7.20 16.79 -16.83
C GLU A 321 7.55 17.14 -15.34
N ARG A 322 6.97 18.21 -14.78
CA ARG A 322 7.13 18.51 -13.39
C ARG A 322 6.57 17.34 -12.49
N LEU A 323 5.42 16.80 -12.84
CA LEU A 323 4.84 15.70 -12.02
C LEU A 323 5.71 14.44 -12.06
N LEU A 324 6.31 14.17 -13.21
CA LEU A 324 7.18 13.00 -13.28
C LEU A 324 8.58 13.18 -12.66
N ASN A 325 9.03 14.41 -12.46
CA ASN A 325 10.37 14.74 -12.01
C ASN A 325 10.30 15.81 -10.96
N PRO A 326 9.66 15.51 -9.81
CA PRO A 326 9.61 16.54 -8.79
C PRO A 326 11.00 16.91 -8.23
N ASP A 327 11.17 18.16 -7.89
CA ASP A 327 12.41 18.68 -7.34
C ASP A 327 12.20 18.99 -5.86
N PHE A 328 12.57 18.04 -5.03
CA PHE A 328 12.36 18.19 -3.60
C PHE A 328 13.38 19.15 -2.97
N ASN A 329 14.52 19.25 -3.61
CA ASN A 329 15.63 20.08 -3.07
C ASN A 329 15.31 21.57 -3.01
N LYS A 330 14.42 22.05 -3.87
CA LYS A 330 14.07 23.48 -3.97
C LYS A 330 13.20 24.00 -2.83
N ILE A 331 12.50 23.08 -2.19
CA ILE A 331 11.43 23.41 -1.19
C ILE A 331 11.95 24.12 0.02
N ALA A 332 11.43 25.33 0.29
CA ALA A 332 11.72 26.05 1.47
C ALA A 332 10.65 25.72 2.56
N TYR A 333 11.10 24.96 3.55
CA TYR A 333 10.26 24.51 4.62
C TYR A 333 10.08 25.62 5.67
N PRO A 334 9.06 25.53 6.53
CA PRO A 334 9.01 26.43 7.68
C PRO A 334 10.11 26.31 8.65
N ASP A 335 10.54 27.46 9.17
CA ASP A 335 11.60 27.51 10.14
C ASP A 335 10.97 27.52 11.50
N PHE A 336 11.06 26.36 12.22
CA PHE A 336 10.48 26.22 13.52
C PHE A 336 11.41 26.35 14.72
N LYS A 337 12.62 26.82 14.45
CA LYS A 337 13.58 26.95 15.50
C LYS A 337 13.03 27.80 16.63
N GLY A 338 13.13 27.25 17.82
CA GLY A 338 12.68 27.91 19.05
C GLY A 338 11.21 28.01 19.33
N LYS A 339 10.38 27.42 18.45
CA LYS A 339 8.96 27.49 18.59
C LYS A 339 8.43 26.19 19.24
N ASP A 340 7.72 26.34 20.34
CA ASP A 340 7.08 25.26 21.05
C ASP A 340 5.77 24.92 20.35
N LEU A 341 5.63 23.70 19.84
CA LEU A 341 4.47 23.36 19.13
C LEU A 341 4.16 21.87 19.34
N ALA A 342 2.91 21.52 19.20
CA ALA A 342 2.58 20.05 19.06
C ALA A 342 3.11 19.66 17.68
N THR A 343 3.63 18.44 17.53
CA THR A 343 4.18 18.10 16.24
C THR A 343 3.07 17.74 15.23
N ARG A 344 1.84 17.59 15.67
CA ARG A 344 0.77 17.50 14.69
C ARG A 344 0.61 18.82 13.97
N ASP A 345 0.87 19.91 14.69
CA ASP A 345 0.74 21.26 14.12
C ASP A 345 1.93 21.66 13.24
N SER A 346 3.17 21.40 13.68
CA SER A 346 4.29 21.57 12.79
C SER A 346 4.08 20.76 11.51
N ASN A 347 3.59 19.52 11.69
CA ASN A 347 3.44 18.68 10.56
C ASN A 347 2.41 19.21 9.53
N GLY A 348 1.30 19.72 10.02
CA GLY A 348 0.25 20.21 9.15
C GLY A 348 0.80 21.42 8.35
N GLU A 349 1.57 22.26 9.02
CA GLU A 349 2.24 23.38 8.32
C GLU A 349 3.16 22.91 7.21
N ILE A 350 3.88 21.76 7.43
CA ILE A 350 4.73 21.17 6.42
C ILE A 350 3.92 20.58 5.28
N LEU A 351 2.82 19.85 5.55
CA LEU A 351 1.94 19.31 4.54
C LEU A 351 1.46 20.44 3.58
N ASN A 352 1.12 21.54 4.19
CA ASN A 352 0.71 22.79 3.37
C ASN A 352 1.79 23.30 2.45
N VAL A 353 3.03 23.40 2.95
CA VAL A 353 4.18 23.76 2.15
C VAL A 353 4.41 22.73 1.03
N LEU A 354 4.32 21.41 1.35
CA LEU A 354 4.48 20.48 0.30
C LEU A 354 3.43 20.58 -0.82
N ALA A 355 2.16 20.75 -0.47
CA ALA A 355 1.08 20.70 -1.42
C ALA A 355 1.27 21.91 -2.32
N LYS A 356 1.81 22.98 -1.77
CA LYS A 356 1.99 24.25 -2.51
C LYS A 356 3.13 24.11 -3.52
N ASN A 357 4.19 23.31 -3.21
CA ASN A 357 5.32 23.15 -4.07
C ASN A 357 5.24 21.99 -5.05
N LEU A 358 4.39 21.00 -4.74
CA LEU A 358 4.39 19.78 -5.51
C LEU A 358 3.00 19.51 -6.06
N GLU A 359 2.84 19.68 -7.39
CA GLU A 359 1.57 19.59 -7.97
C GLU A 359 0.89 18.23 -7.83
N GLY A 360 1.69 17.21 -7.59
CA GLY A 360 1.18 15.87 -7.45
C GLY A 360 1.02 15.38 -5.96
N PHE A 361 1.26 16.25 -4.99
CA PHE A 361 1.15 15.94 -3.54
C PHE A 361 -0.24 16.18 -3.02
N LEU A 362 -0.91 15.12 -2.57
CA LEU A 362 -2.27 15.25 -2.14
C LEU A 362 -2.53 14.12 -1.10
N GLY A 363 -3.72 14.13 -0.53
CA GLY A 363 -4.06 13.08 0.44
C GLY A 363 -5.21 13.48 1.32
N GLY A 364 -5.27 12.87 2.47
CA GLY A 364 -6.39 13.10 3.33
C GLY A 364 -6.38 12.21 4.57
N SER A 365 -7.40 12.39 5.37
CA SER A 365 -7.57 11.73 6.64
C SER A 365 -8.81 10.90 6.62
N ALA A 366 -8.87 9.85 7.46
CA ALA A 366 -10.04 9.07 7.68
C ALA A 366 -11.00 9.73 8.70
N ASP A 367 -11.65 10.77 8.23
CA ASP A 367 -12.56 11.64 9.02
C ASP A 367 -11.93 12.44 10.16
N LEU A 368 -10.61 12.59 10.23
CA LEU A 368 -9.97 13.23 11.35
C LEU A 368 -9.14 14.43 10.92
N GLY A 369 -9.49 15.06 9.79
CA GLY A 369 -8.69 16.17 9.35
C GLY A 369 -8.45 17.27 10.36
N PRO A 370 -9.50 17.68 11.04
CA PRO A 370 -9.42 18.72 12.03
C PRO A 370 -8.49 18.40 13.20
N SER A 371 -8.40 17.12 13.51
CA SER A 371 -7.61 16.66 14.68
CA SER A 371 -7.63 16.68 14.66
C SER A 371 -6.23 16.26 14.26
N ASN A 372 -6.11 15.63 13.11
CA ASN A 372 -4.77 15.31 12.54
C ASN A 372 -3.99 16.53 12.07
N LYS A 373 -4.75 17.62 11.79
CA LYS A 373 -4.22 18.89 11.23
C LYS A 373 -3.72 18.64 9.81
N THR A 374 -4.46 17.90 9.01
CA THR A 374 -4.08 17.58 7.67
C THR A 374 -4.76 18.36 6.55
N GLU A 375 -5.64 19.31 6.87
CA GLU A 375 -6.30 20.04 5.79
C GLU A 375 -5.28 20.85 5.00
N LEU A 376 -5.38 20.77 3.67
CA LEU A 376 -4.51 21.52 2.80
C LEU A 376 -5.33 22.79 2.44
N HIS A 377 -4.95 23.88 3.07
CA HIS A 377 -5.84 25.05 3.16
C HIS A 377 -5.87 25.73 1.81
N SER A 378 -7.08 26.07 1.39
CA SER A 378 -7.35 26.74 0.11
C SER A 378 -6.96 25.87 -1.09
N MSE A 379 -6.82 24.55 -0.88
CA MSE A 379 -6.48 23.67 -1.99
C MSE A 379 -7.64 22.84 -2.53
O MSE A 379 -7.45 22.06 -3.48
CB MSE A 379 -5.29 22.78 -1.63
CG MSE A 379 -4.18 23.58 -0.92
SE MSE A 379 -2.38 23.59 -1.67
CE MSE A 379 -3.12 24.34 -3.23
N GLY A 380 -8.81 22.97 -1.96
CA GLY A 380 -9.98 22.40 -2.47
C GLY A 380 -10.22 20.96 -2.14
N ASP A 381 -11.41 20.53 -2.38
CA ASP A 381 -11.71 19.05 -2.30
C ASP A 381 -11.52 18.29 -3.60
N PHE A 382 -11.12 17.02 -3.48
CA PHE A 382 -11.11 16.08 -4.57
C PHE A 382 -12.50 16.05 -5.24
N VAL A 383 -12.60 16.00 -6.59
CA VAL A 383 -11.53 15.84 -7.57
C VAL A 383 -10.86 17.18 -7.99
N GLU A 384 -11.57 18.34 -7.90
CA GLU A 384 -10.98 19.58 -8.38
C GLU A 384 -9.78 20.03 -7.62
N GLY A 385 -9.77 19.65 -6.33
CA GLY A 385 -8.71 20.02 -5.43
C GLY A 385 -7.94 18.81 -4.90
N LYS A 386 -7.22 19.06 -3.82
CA LYS A 386 -6.27 18.10 -3.27
C LYS A 386 -6.70 17.37 -2.00
N ASN A 387 -7.67 17.85 -1.25
CA ASN A 387 -8.03 17.21 0.01
C ASN A 387 -9.00 16.05 -0.31
N ILE A 388 -8.66 14.82 0.10
CA ILE A 388 -9.51 13.65 -0.05
C ILE A 388 -10.18 13.31 1.27
N HIS A 389 -11.47 13.18 1.26
CA HIS A 389 -12.26 12.90 2.46
C HIS A 389 -12.55 11.37 2.38
N PHE A 390 -11.70 10.60 3.07
CA PHE A 390 -11.85 9.17 3.02
C PHE A 390 -13.02 8.53 3.80
N GLY A 391 -13.59 9.33 4.73
CA GLY A 391 -14.53 8.85 5.65
C GLY A 391 -13.85 7.97 6.72
N ILE A 392 -14.67 7.20 7.45
CA ILE A 392 -14.13 6.35 8.52
C ILE A 392 -13.76 5.00 7.90
N ARG A 393 -12.66 4.96 7.12
CA ARG A 393 -12.29 3.83 6.22
C ARG A 393 -10.78 3.83 6.20
N GLU A 394 -10.13 3.62 7.38
CA GLU A 394 -8.68 3.64 7.42
C GLU A 394 -8.08 2.65 6.43
N HIS A 395 -8.56 1.39 6.39
CA HIS A 395 -7.89 0.41 5.58
C HIS A 395 -7.99 0.70 4.08
N ALA A 396 -9.19 1.04 3.61
CA ALA A 396 -9.38 1.36 2.24
C ALA A 396 -8.60 2.64 1.84
N MSE A 397 -8.53 3.62 2.75
CA MSE A 397 -7.69 4.77 2.51
C MSE A 397 -6.28 4.43 2.19
O MSE A 397 -5.72 4.91 1.20
CB MSE A 397 -7.75 5.74 3.65
CG MSE A 397 -6.65 6.69 3.75
SE MSE A 397 -6.72 7.98 5.24
CE MSE A 397 -6.10 6.63 6.59
N ALA A 398 -5.64 3.56 3.00
CA ALA A 398 -4.29 3.19 2.71
C ALA A 398 -4.13 2.39 1.45
N ALA A 399 -5.07 1.49 1.15
CA ALA A 399 -4.98 0.77 -0.09
C ALA A 399 -5.25 1.60 -1.35
N ILE A 400 -6.13 2.55 -1.23
CA ILE A 400 -6.38 3.57 -2.26
C ILE A 400 -5.10 4.40 -2.55
N ASN A 401 -4.49 4.87 -1.50
CA ASN A 401 -3.27 5.63 -1.57
C ASN A 401 -2.10 4.82 -2.07
N ASN A 402 -2.00 3.51 -1.77
CA ASN A 402 -1.02 2.67 -2.43
C ASN A 402 -1.15 2.71 -3.96
N ALA A 403 -2.38 2.68 -4.45
CA ALA A 403 -2.61 2.79 -5.89
C ALA A 403 -2.26 4.23 -6.41
N PHE A 404 -2.65 5.28 -5.71
CA PHE A 404 -2.18 6.58 -6.10
C PHE A 404 -0.65 6.69 -6.25
N ALA A 405 0.09 6.08 -5.34
CA ALA A 405 1.51 6.08 -5.36
C ALA A 405 2.05 5.33 -6.58
N ARG A 406 1.31 4.33 -7.04
CA ARG A 406 1.69 3.51 -8.23
C ARG A 406 1.23 4.13 -9.54
N TYR A 407 0.34 5.08 -9.47
CA TYR A 407 -0.33 5.53 -10.69
C TYR A 407 0.69 6.12 -11.66
N GLY A 408 1.57 7.01 -11.22
CA GLY A 408 2.67 7.43 -12.04
C GLY A 408 3.00 8.90 -11.79
N ILE A 409 2.11 9.62 -11.16
CA ILE A 409 2.33 11.10 -11.03
C ILE A 409 1.95 11.70 -9.67
N PHE A 410 1.79 10.85 -8.67
CA PHE A 410 1.21 11.34 -7.39
C PHE A 410 2.13 10.96 -6.22
N LEU A 411 2.04 11.77 -5.17
CA LEU A 411 2.78 11.62 -3.90
C LEU A 411 1.75 11.70 -2.82
N PRO A 412 1.10 10.58 -2.41
CA PRO A 412 0.00 10.61 -1.46
C PRO A 412 0.38 10.50 0.01
N PHE A 413 -0.48 11.11 0.85
CA PHE A 413 -0.43 10.84 2.30
C PHE A 413 -1.77 10.33 2.80
N SER A 414 -1.69 9.40 3.80
CA SER A 414 -2.82 8.89 4.55
C SER A 414 -2.68 9.32 5.99
N ALA A 415 -3.78 9.72 6.63
CA ALA A 415 -3.70 10.16 7.99
C ALA A 415 -4.81 9.64 8.92
N THR A 416 -4.42 9.22 10.12
CA THR A 416 -5.32 8.89 11.21
C THR A 416 -4.57 9.03 12.54
N PHE A 417 -5.30 8.73 13.61
CA PHE A 417 -4.67 8.66 14.93
C PHE A 417 -3.77 7.45 14.89
N PHE A 418 -2.64 7.50 15.60
CA PHE A 418 -1.67 6.38 15.58
C PHE A 418 -2.31 5.05 16.05
N ILE A 419 -3.21 5.13 17.02
CA ILE A 419 -3.85 3.86 17.52
C ILE A 419 -4.57 3.19 16.39
N PHE A 420 -5.16 3.97 15.49
CA PHE A 420 -5.93 3.36 14.37
C PHE A 420 -5.11 3.04 13.13
N SER A 421 -3.80 3.18 13.24
CA SER A 421 -2.87 2.60 12.29
C SER A 421 -3.15 1.10 12.20
N GLU A 422 -3.58 0.49 13.30
CA GLU A 422 -3.85 -0.94 13.31
C GLU A 422 -4.92 -1.30 12.29
N TYR A 423 -5.89 -0.44 12.00
CA TYR A 423 -6.92 -0.69 11.01
C TYR A 423 -6.36 -0.70 9.57
N LEU A 424 -5.20 -0.12 9.33
CA LEU A 424 -4.65 -0.05 7.98
C LEU A 424 -3.33 -0.74 7.77
N LYS A 425 -2.81 -1.36 8.84
CA LYS A 425 -1.52 -1.99 8.78
C LYS A 425 -1.28 -3.02 7.62
N PRO A 426 -2.31 -3.82 7.24
CA PRO A 426 -2.04 -4.74 6.13
C PRO A 426 -1.71 -4.02 4.81
N ALA A 427 -2.34 -2.87 4.53
CA ALA A 427 -2.00 -2.06 3.38
C ALA A 427 -0.74 -1.30 3.55
N ALA A 428 -0.40 -0.84 4.76
CA ALA A 428 0.90 -0.29 5.01
C ALA A 428 1.99 -1.32 4.67
N ARG A 429 1.71 -2.58 4.97
CA ARG A 429 2.65 -3.62 4.66
C ARG A 429 2.89 -3.75 3.15
N ILE A 430 1.84 -3.63 2.34
CA ILE A 430 1.99 -3.70 0.92
C ILE A 430 2.83 -2.48 0.38
N ALA A 431 2.59 -1.31 0.92
CA ALA A 431 3.50 -0.20 0.56
C ALA A 431 4.98 -0.49 0.79
N ALA A 432 5.28 -1.04 1.96
CA ALA A 432 6.60 -1.44 2.36
C ALA A 432 7.17 -2.51 1.39
N LEU A 433 6.34 -3.54 1.12
CA LEU A 433 6.77 -4.56 0.21
C LEU A 433 7.12 -4.04 -1.19
N MSE A 434 6.35 -3.11 -1.72
CA MSE A 434 6.51 -2.51 -3.01
C MSE A 434 7.62 -1.38 -3.03
O MSE A 434 8.04 -0.99 -4.05
CB MSE A 434 5.21 -1.85 -3.41
CG MSE A 434 4.26 -2.90 -3.82
SE MSE A 434 2.76 -2.22 -4.87
CE MSE A 434 1.95 -0.97 -3.62
N LYS A 435 7.94 -0.91 -1.84
CA LYS A 435 8.88 0.24 -1.67
C LYS A 435 8.37 1.52 -2.37
N ILE A 436 7.08 1.81 -2.24
CA ILE A 436 6.44 2.94 -2.83
C ILE A 436 6.61 4.15 -1.96
N LYS A 437 6.51 5.34 -2.60
CA LYS A 437 6.48 6.57 -1.88
C LYS A 437 5.05 7.00 -1.48
N HIS A 438 4.71 6.57 -0.28
CA HIS A 438 3.44 6.80 0.37
C HIS A 438 3.75 7.14 1.80
N PHE A 439 3.21 8.28 2.24
CA PHE A 439 3.49 8.82 3.57
C PHE A 439 2.33 8.68 4.52
N PHE A 440 2.64 8.14 5.71
CA PHE A 440 1.62 7.86 6.70
C PHE A 440 1.69 8.80 7.84
N ILE A 441 0.60 9.50 8.13
CA ILE A 441 0.65 10.57 9.12
C ILE A 441 -0.19 10.13 10.34
N PHE A 442 0.47 9.95 11.49
CA PHE A 442 -0.16 9.38 12.61
C PHE A 442 0.01 10.31 13.81
N THR A 443 -1.04 10.97 14.18
CA THR A 443 -1.05 11.85 15.32
C THR A 443 -1.52 11.14 16.62
N HIS A 444 -1.51 11.86 17.72
CA HIS A 444 -2.01 11.37 19.01
C HIS A 444 -1.27 10.14 19.43
N ASP A 445 0.00 10.32 19.50
CA ASP A 445 0.95 9.21 19.57
C ASP A 445 1.13 8.49 20.93
N SER A 446 0.52 8.94 22.02
CA SER A 446 0.89 8.34 23.31
C SER A 446 -0.16 8.52 24.32
N ILE A 447 0.07 7.98 25.53
CA ILE A 447 -0.72 8.35 26.69
C ILE A 447 -0.99 9.85 26.90
N GLY A 448 -0.18 10.70 26.27
CA GLY A 448 -0.41 12.14 26.22
C GLY A 448 -1.76 12.56 25.66
N VAL A 449 -2.40 11.67 24.91
CA VAL A 449 -3.82 11.79 24.51
C VAL A 449 -4.74 12.12 25.70
N GLY A 450 -4.49 11.51 26.87
CA GLY A 450 -5.24 11.90 28.03
C GLY A 450 -6.59 11.24 28.14
N GLU A 451 -7.62 12.05 28.16
CA GLU A 451 -8.93 11.65 28.57
C GLU A 451 -9.64 10.56 27.75
N ASP A 452 -9.34 10.49 26.46
CA ASP A 452 -10.00 9.45 25.67
C ASP A 452 -9.65 8.03 26.18
N GLY A 453 -8.53 7.88 26.89
CA GLY A 453 -8.25 6.64 27.55
C GLY A 453 -7.60 5.57 26.71
N PRO A 454 -7.62 4.36 27.29
CA PRO A 454 -6.66 3.38 26.74
C PRO A 454 -6.94 2.81 25.37
N THR A 455 -8.22 2.73 24.96
CA THR A 455 -8.47 2.40 23.58
C THR A 455 -7.92 3.39 22.62
N HIS A 456 -7.59 4.63 23.02
CA HIS A 456 -7.05 5.67 22.18
C HIS A 456 -5.59 6.00 22.47
N GLN A 457 -4.90 5.23 23.30
CA GLN A 457 -3.51 5.56 23.69
C GLN A 457 -2.65 4.49 23.14
N PRO A 458 -1.82 4.83 22.16
CA PRO A 458 -0.87 3.86 21.59
C PRO A 458 0.10 3.40 22.70
N ILE A 459 0.47 2.13 22.58
CA ILE A 459 1.46 1.48 23.42
C ILE A 459 2.42 0.66 22.57
N GLU A 460 1.89 -0.31 21.80
CA GLU A 460 2.71 -1.19 20.99
C GLU A 460 2.92 -0.84 19.52
N GLN A 461 2.28 0.22 19.04
CA GLN A 461 2.31 0.56 17.65
C GLN A 461 3.71 0.99 17.15
N LEU A 462 4.50 1.67 17.97
CA LEU A 462 5.85 2.07 17.59
C LEU A 462 6.68 0.83 17.31
N SER A 463 6.55 -0.23 18.17
CA SER A 463 7.22 -1.51 17.91
C SER A 463 6.82 -2.15 16.59
N THR A 464 5.51 -2.14 16.29
CA THR A 464 5.06 -2.73 15.06
C THR A 464 5.70 -2.07 13.80
N PHE A 465 5.66 -0.73 13.76
CA PHE A 465 6.21 -0.01 12.64
C PHE A 465 7.74 -0.05 12.54
N ARG A 466 8.43 -0.12 13.68
CA ARG A 466 9.88 -0.28 13.67
C ARG A 466 10.24 -1.67 13.12
N ALA A 467 9.43 -2.63 13.56
CA ALA A 467 9.69 -4.00 13.13
C ALA A 467 9.41 -4.31 11.65
N MSE A 468 8.46 -3.60 11.07
CA MSE A 468 8.11 -3.85 9.67
C MSE A 468 9.28 -3.46 8.72
O MSE A 468 9.75 -2.25 8.77
CB MSE A 468 6.89 -3.06 9.30
CG MSE A 468 6.43 -3.28 7.93
SE MSE A 468 4.68 -2.38 7.51
CE MSE A 468 4.72 -0.81 8.70
N PRO A 469 9.75 -4.34 7.90
CA PRO A 469 10.78 -3.97 6.91
C PRO A 469 10.34 -2.83 5.94
N ASN A 470 11.34 -2.10 5.45
CA ASN A 470 11.14 -1.13 4.33
C ASN A 470 10.25 -0.02 4.80
N PHE A 471 10.38 0.43 6.05
CA PHE A 471 9.61 1.50 6.58
C PHE A 471 10.44 2.29 7.51
N LEU A 472 10.45 3.61 7.35
CA LEU A 472 11.04 4.54 8.34
C LEU A 472 9.98 5.06 9.25
N THR A 473 10.23 5.08 10.54
CA THR A 473 9.26 5.49 11.52
C THR A 473 9.85 6.72 12.18
N PHE A 474 9.41 7.94 11.83
CA PHE A 474 9.89 9.15 12.45
C PHE A 474 8.96 9.62 13.57
N ARG A 475 9.57 9.96 14.70
CA ARG A 475 8.89 10.44 15.87
C ARG A 475 9.59 11.73 16.29
N PRO A 476 9.27 12.86 15.58
CA PRO A 476 10.07 14.06 15.87
C PRO A 476 9.79 14.72 17.23
N ALA A 477 10.80 15.33 17.82
CA ALA A 477 10.65 15.93 19.12
C ALA A 477 10.22 17.39 19.05
N ASP A 478 10.35 17.93 17.87
CA ASP A 478 10.04 19.35 17.64
C ASP A 478 9.84 19.64 16.15
N GLY A 479 9.53 20.90 15.79
CA GLY A 479 9.20 21.18 14.39
C GLY A 479 10.42 21.06 13.49
N VAL A 480 11.63 21.40 13.98
CA VAL A 480 12.85 21.34 13.18
C VAL A 480 13.10 19.85 12.82
N GLU A 481 13.02 19.01 13.86
CA GLU A 481 13.10 17.52 13.57
C GLU A 481 12.04 17.08 12.52
N ASN A 482 10.83 17.58 12.63
CA ASN A 482 9.71 17.25 11.77
C ASN A 482 10.08 17.62 10.30
N VAL A 483 10.66 18.84 10.08
CA VAL A 483 11.16 19.19 8.74
C VAL A 483 12.24 18.30 8.19
N LYS A 484 13.24 18.01 9.04
CA LYS A 484 14.34 17.19 8.64
C LYS A 484 13.85 15.74 8.30
N ALA A 485 12.86 15.30 9.00
CA ALA A 485 12.22 13.91 8.76
C ALA A 485 11.60 13.94 7.37
N TRP A 486 10.94 15.03 7.02
CA TRP A 486 10.33 15.09 5.69
C TRP A 486 11.38 15.11 4.57
N GLN A 487 12.45 15.91 4.73
CA GLN A 487 13.51 15.97 3.77
C GLN A 487 14.03 14.58 3.50
N ILE A 488 14.23 13.79 4.57
CA ILE A 488 14.69 12.44 4.39
C ILE A 488 13.65 11.58 3.70
N ALA A 489 12.44 11.66 4.16
CA ALA A 489 11.33 10.82 3.68
C ALA A 489 11.13 11.00 2.16
N LEU A 490 11.16 12.26 1.66
CA LEU A 490 10.95 12.47 0.22
C LEU A 490 12.11 11.94 -0.62
N ASN A 491 13.34 11.89 -0.10
CA ASN A 491 14.47 11.38 -0.83
C ASN A 491 14.67 9.90 -0.62
N ALA A 492 13.97 9.32 0.33
CA ALA A 492 14.17 7.83 0.63
C ALA A 492 13.60 6.95 -0.51
N ASP A 493 13.96 5.68 -0.45
CA ASP A 493 13.46 4.69 -1.41
C ASP A 493 12.34 3.83 -0.87
N ILE A 494 11.82 4.17 0.31
CA ILE A 494 10.83 3.35 1.00
C ILE A 494 9.85 4.28 1.63
N PRO A 495 8.65 3.82 1.96
CA PRO A 495 7.68 4.62 2.72
C PRO A 495 8.07 5.01 4.09
N SER A 496 7.45 6.06 4.59
CA SER A 496 7.73 6.63 5.96
C SER A 496 6.37 6.85 6.73
N ALA A 497 6.44 6.74 8.01
CA ALA A 497 5.40 7.13 8.92
C ALA A 497 5.91 8.29 9.76
N PHE A 498 5.01 9.19 10.07
CA PHE A 498 5.26 10.31 10.93
C PHE A 498 4.39 10.18 12.19
N VAL A 499 5.04 10.00 13.33
CA VAL A 499 4.41 9.75 14.60
C VAL A 499 4.46 11.00 15.42
N LEU A 500 3.28 11.62 15.63
CA LEU A 500 3.20 13.07 16.03
C LEU A 500 2.35 13.22 17.28
N SER A 501 2.60 14.28 18.07
CA SER A 501 1.92 14.50 19.31
C SER A 501 0.63 15.29 19.18
N ARG A 502 -0.29 15.04 20.09
CA ARG A 502 -1.46 15.90 20.32
C ARG A 502 -1.02 17.16 21.02
N GLN A 503 -0.18 16.99 22.03
CA GLN A 503 0.16 18.00 22.98
C GLN A 503 1.40 18.81 22.60
N LYS A 504 1.52 20.06 23.11
CA LYS A 504 2.65 20.86 22.83
C LYS A 504 3.95 20.30 23.37
N LEU A 505 4.96 20.22 22.51
CA LEU A 505 6.33 19.85 22.81
C LEU A 505 7.25 21.06 22.80
N LYS A 506 8.31 20.93 23.57
CA LYS A 506 9.22 22.04 23.72
C LYS A 506 10.30 22.01 22.62
N ALA A 507 10.57 23.17 22.06
CA ALA A 507 11.60 23.28 21.07
C ALA A 507 12.96 22.95 21.65
N LEU A 508 13.81 22.31 20.87
CA LEU A 508 15.09 21.83 21.33
C LEU A 508 16.18 22.79 20.88
N ASN A 509 17.34 22.71 21.50
CA ASN A 509 18.50 23.39 20.99
C ASN A 509 19.07 22.60 19.82
N GLU A 510 20.11 23.15 19.19
CA GLU A 510 20.69 22.57 17.99
C GLU A 510 21.53 21.35 18.33
N PRO A 511 21.74 20.44 17.35
CA PRO A 511 22.50 19.25 17.59
C PRO A 511 23.94 19.63 18.00
N VAL A 512 24.52 18.86 18.88
CA VAL A 512 25.94 18.91 19.17
C VAL A 512 26.75 18.08 18.19
N PHE A 513 26.30 16.84 17.84
CA PHE A 513 27.04 15.92 17.01
C PHE A 513 25.97 15.10 16.35
N GLY A 514 26.03 14.99 15.03
CA GLY A 514 25.06 14.21 14.23
C GLY A 514 23.87 15.02 13.96
N ASP A 515 22.90 14.41 13.31
CA ASP A 515 21.63 15.05 13.02
C ASP A 515 20.58 13.99 12.74
N VAL A 516 19.42 14.45 12.40
CA VAL A 516 18.23 13.60 12.20
C VAL A 516 18.53 12.54 11.16
N LYS A 517 19.28 12.86 10.11
CA LYS A 517 19.65 11.92 9.05
C LYS A 517 20.40 10.69 9.55
N ASN A 518 21.01 10.83 10.71
CA ASN A 518 21.72 9.67 11.33
C ASN A 518 20.76 8.81 12.19
N GLY A 519 19.51 9.19 12.36
CA GLY A 519 18.49 8.48 13.13
C GLY A 519 18.45 8.90 14.58
N ALA A 520 19.64 8.98 15.18
CA ALA A 520 19.86 9.44 16.54
C ALA A 520 21.05 10.41 16.53
N TYR A 521 20.99 11.41 17.38
CA TYR A 521 22.08 12.40 17.42
C TYR A 521 22.23 12.93 18.82
N LEU A 522 23.41 13.54 19.11
CA LEU A 522 23.63 14.15 20.43
C LEU A 522 23.04 15.57 20.60
N LEU A 523 22.24 15.79 21.64
CA LEU A 523 21.74 17.13 22.08
C LEU A 523 22.61 17.68 23.20
N LYS A 524 23.13 16.79 24.02
CA LYS A 524 24.04 17.12 25.08
C LYS A 524 25.14 16.14 25.15
N GLU A 525 26.38 16.64 25.31
CA GLU A 525 27.49 15.72 25.38
C GLU A 525 28.39 16.13 26.55
N SER A 526 28.74 15.17 27.39
CA SER A 526 29.70 15.40 28.50
C SER A 526 30.89 14.47 28.46
N LYS A 527 32.11 14.98 28.77
CA LYS A 527 33.26 14.11 28.89
C LYS A 527 33.04 13.11 30.00
N GLU A 528 33.54 11.90 29.79
CA GLU A 528 33.45 10.82 30.78
C GLU A 528 32.02 10.76 31.31
N ALA A 529 31.09 10.74 30.36
CA ALA A 529 29.69 10.52 30.70
C ALA A 529 29.46 9.18 31.37
N LYS A 530 28.66 9.21 32.44
CA LYS A 530 28.31 8.07 33.26
C LYS A 530 26.99 7.47 32.77
N PHE A 531 26.13 8.34 32.23
CA PHE A 531 24.84 7.91 31.67
C PHE A 531 24.60 8.54 30.31
N THR A 532 23.84 7.86 29.45
CA THR A 532 23.27 8.48 28.27
C THR A 532 21.79 8.27 28.30
N LEU A 533 21.02 9.32 28.15
CA LEU A 533 19.55 9.22 28.09
C LEU A 533 19.19 9.32 26.65
N LEU A 534 18.58 8.27 26.12
CA LEU A 534 18.22 8.13 24.68
C LEU A 534 16.70 8.24 24.63
N ALA A 535 16.12 9.13 23.84
CA ALA A 535 14.68 9.29 23.79
C ALA A 535 14.24 9.78 22.42
N SER A 536 12.92 9.65 22.16
CA SER A 536 12.30 10.21 20.97
C SER A 536 11.14 11.09 21.34
N GLY A 537 10.70 11.95 20.35
CA GLY A 537 9.47 12.61 20.45
C GLY A 537 9.28 13.31 21.78
N SER A 538 8.11 13.20 22.38
CA SER A 538 7.72 13.85 23.61
C SER A 538 8.57 13.61 24.84
N GLU A 539 9.39 12.58 24.82
CA GLU A 539 10.22 12.25 25.98
C GLU A 539 11.56 12.90 25.97
N VAL A 540 11.96 13.54 24.88
CA VAL A 540 13.31 14.15 24.80
C VAL A 540 13.47 15.29 25.85
N TRP A 541 12.46 16.10 25.99
CA TRP A 541 12.55 17.22 26.99
C TRP A 541 12.69 16.69 28.40
N LEU A 542 11.96 15.59 28.71
CA LEU A 542 12.09 14.97 30.02
C LEU A 542 13.55 14.57 30.24
N CYS A 543 14.15 13.93 29.26
CA CYS A 543 15.51 13.51 29.31
C CYS A 543 16.47 14.70 29.46
N LEU A 544 16.22 15.79 28.73
CA LEU A 544 17.10 16.97 28.93
C LEU A 544 16.99 17.51 30.37
N GLU A 545 15.78 17.65 30.90
CA GLU A 545 15.57 18.11 32.29
C GLU A 545 16.22 17.15 33.26
N SER A 546 16.06 15.83 33.01
CA SER A 546 16.62 14.85 33.90
C SER A 546 18.17 14.89 33.91
N ALA A 547 18.78 15.07 32.73
CA ALA A 547 20.23 15.13 32.60
C ALA A 547 20.69 16.41 33.34
N ASN A 548 19.90 17.48 33.32
CA ASN A 548 20.32 18.69 34.09
C ASN A 548 20.29 18.40 35.56
N GLU A 549 19.28 17.68 36.01
CA GLU A 549 19.24 17.32 37.42
C GLU A 549 20.34 16.36 37.80
N LEU A 550 20.69 15.39 36.94
CA LEU A 550 21.76 14.49 37.24
C LEU A 550 23.13 15.22 37.27
N GLU A 551 23.26 16.27 36.45
CA GLU A 551 24.52 17.05 36.44
C GLU A 551 24.61 17.89 37.72
N LYS A 552 23.48 18.43 38.17
CA LYS A 552 23.45 19.18 39.43
C LYS A 552 23.81 18.23 40.53
N GLN A 553 23.41 16.95 40.47
CA GLN A 553 23.78 15.98 41.51
C GLN A 553 25.15 15.36 41.37
N GLY A 554 25.92 15.80 40.38
CA GLY A 554 27.31 15.37 40.11
C GLY A 554 27.56 14.22 39.14
N PHE A 555 26.60 13.94 38.23
CA PHE A 555 26.78 12.88 37.28
C PHE A 555 26.76 13.42 35.85
N ALA A 556 27.85 13.17 35.13
CA ALA A 556 28.01 13.57 33.68
C ALA A 556 27.06 12.76 32.81
N CYS A 557 26.28 13.42 31.98
CA CYS A 557 25.35 12.77 31.08
C CYS A 557 25.40 13.22 29.61
N ASN A 558 25.18 12.27 28.75
CA ASN A 558 24.82 12.53 27.36
C ASN A 558 23.29 12.47 27.23
N VAL A 559 22.76 13.20 26.27
CA VAL A 559 21.36 13.12 25.91
C VAL A 559 21.34 12.94 24.37
N VAL A 560 20.63 11.90 23.93
CA VAL A 560 20.52 11.53 22.53
C VAL A 560 19.04 11.61 22.15
N SER A 561 18.75 12.38 21.08
CA SER A 561 17.48 12.35 20.43
C SER A 561 17.50 11.33 19.32
N MSE A 562 16.44 10.47 19.31
CA MSE A 562 16.35 9.35 18.35
C MSE A 562 15.07 9.45 17.54
O MSE A 562 14.07 8.74 17.75
CB MSE A 562 16.41 7.97 19.02
CG MSE A 562 16.51 6.98 17.95
SE MSE A 562 16.50 5.11 18.69
CE MSE A 562 14.76 5.26 19.43
N PRO A 563 15.01 10.40 16.56
CA PRO A 563 13.77 10.58 15.80
C PRO A 563 13.50 9.36 14.90
N CYS A 564 14.49 8.57 14.58
CA CYS A 564 14.29 7.40 13.72
C CYS A 564 15.25 6.24 14.04
N PHE A 565 14.61 5.23 14.64
CA PHE A 565 15.30 3.97 15.06
C PHE A 565 15.92 3.27 13.88
N GLU A 566 15.22 3.15 12.75
CA GLU A 566 15.72 2.44 11.65
C GLU A 566 16.96 3.09 11.06
N LEU A 567 17.02 4.44 11.00
CA LEU A 567 18.24 5.08 10.44
C LEU A 567 19.38 4.92 11.40
N PHE A 568 19.11 4.92 12.66
CA PHE A 568 20.19 4.73 13.63
C PHE A 568 20.79 3.33 13.54
N GLU A 569 19.92 2.36 13.28
CA GLU A 569 20.43 1.02 13.04
C GLU A 569 21.42 0.93 11.89
N LYS A 570 21.41 1.86 10.91
CA LYS A 570 22.28 1.81 9.74
C LYS A 570 23.66 2.57 10.00
N GLN A 571 23.87 3.18 11.15
CA GLN A 571 25.04 4.01 11.40
C GLN A 571 26.20 3.14 11.74
N ASP A 572 27.42 3.61 11.50
CA ASP A 572 28.51 2.73 11.79
C ASP A 572 28.83 2.76 13.29
N LYS A 573 29.64 1.80 13.71
CA LYS A 573 29.90 1.57 15.12
C LYS A 573 30.57 2.76 15.77
N ALA A 574 31.48 3.39 15.05
CA ALA A 574 32.09 4.60 15.56
C ALA A 574 31.13 5.75 15.95
N TYR A 575 30.11 5.96 15.11
CA TYR A 575 29.08 6.96 15.36
C TYR A 575 28.30 6.50 16.60
N GLN A 576 27.87 5.23 16.61
CA GLN A 576 27.02 4.74 17.68
C GLN A 576 27.80 4.85 19.01
N GLU A 577 29.10 4.51 19.00
CA GLU A 577 29.95 4.54 20.20
C GLU A 577 30.16 5.93 20.72
N ARG A 578 30.19 6.93 19.84
CA ARG A 578 30.28 8.33 20.30
C ARG A 578 29.03 8.79 21.07
N LEU A 579 27.87 8.39 20.55
CA LEU A 579 26.60 8.74 21.23
C LEU A 579 26.36 7.99 22.58
N LEU A 580 26.58 6.67 22.54
CA LEU A 580 26.14 5.79 23.61
C LEU A 580 27.27 5.53 24.63
N LYS A 581 27.35 6.43 25.56
CA LYS A 581 28.40 6.36 26.58
C LYS A 581 27.80 5.93 27.92
N GLY A 582 28.60 5.19 28.70
CA GLY A 582 28.21 4.92 30.07
C GLY A 582 27.07 3.94 30.02
N GLU A 583 26.20 4.08 30.98
CA GLU A 583 24.98 3.22 31.05
C GLU A 583 23.93 3.99 30.29
N VAL A 584 23.40 3.32 29.28
CA VAL A 584 22.43 3.91 28.35
C VAL A 584 21.03 3.57 28.78
N ILE A 585 20.23 4.60 28.98
CA ILE A 585 18.83 4.43 29.37
C ILE A 585 17.95 4.96 28.24
N GLY A 586 17.04 4.10 27.77
CA GLY A 586 16.07 4.50 26.73
C GLY A 586 14.79 4.94 27.42
N VAL A 587 14.14 6.03 26.97
CA VAL A 587 13.01 6.51 27.58
C VAL A 587 11.99 6.85 26.48
N GLU A 588 10.82 6.24 26.57
CA GLU A 588 9.76 6.51 25.58
C GLU A 588 8.44 6.10 26.16
N ALA A 589 7.40 6.82 25.82
CA ALA A 589 6.05 6.51 26.26
C ALA A 589 5.45 5.49 25.32
N ALA A 590 6.00 4.30 25.44
CA ALA A 590 5.61 3.17 24.59
C ALA A 590 6.12 1.92 25.27
N HIS A 591 5.67 0.75 24.77
CA HIS A 591 6.26 -0.53 25.20
C HIS A 591 7.20 -0.91 24.10
N SER A 592 8.47 -0.55 24.28
CA SER A 592 9.44 -0.53 23.19
C SER A 592 10.73 -1.31 23.58
N ASN A 593 10.54 -2.61 23.61
CA ASN A 593 11.65 -3.48 23.97
C ASN A 593 12.74 -3.47 22.92
N GLU A 594 12.45 -3.09 21.67
CA GLU A 594 13.47 -3.01 20.67
C GLU A 594 14.60 -2.04 21.06
N LEU A 595 14.27 -1.12 22.01
CA LEU A 595 15.31 -0.17 22.48
C LEU A 595 16.47 -0.84 23.22
N TYR A 596 16.30 -2.09 23.67
CA TYR A 596 17.45 -2.79 24.26
C TYR A 596 18.53 -3.19 23.26
N LYS A 597 18.28 -2.99 21.94
CA LYS A 597 19.34 -3.06 20.93
C LYS A 597 20.45 -2.05 21.23
N PHE A 598 20.07 -0.91 21.76
CA PHE A 598 21.01 0.18 22.05
C PHE A 598 21.14 0.56 23.52
N CYS A 599 20.25 0.11 24.38
CA CYS A 599 20.15 0.63 25.75
C CYS A 599 20.38 -0.45 26.76
N HIS A 600 21.00 -0.17 27.89
CA HIS A 600 21.11 -1.17 28.98
C HIS A 600 19.79 -1.28 29.75
N LYS A 601 19.09 -0.19 29.93
CA LYS A 601 17.78 -0.13 30.61
C LYS A 601 16.82 0.62 29.72
N VAL A 602 15.56 0.22 29.83
CA VAL A 602 14.49 0.93 29.11
C VAL A 602 13.38 1.36 30.07
N TYR A 603 13.04 2.66 30.07
CA TYR A 603 12.02 3.20 30.89
C TYR A 603 10.85 3.54 29.99
N GLY A 604 9.88 2.62 29.96
CA GLY A 604 8.72 2.66 29.06
C GLY A 604 7.42 2.43 29.80
N ILE A 605 6.44 1.94 29.05
CA ILE A 605 5.14 1.63 29.58
C ILE A 605 4.83 0.21 29.16
N GLU A 606 4.54 -0.61 30.15
CA GLU A 606 4.27 -2.05 29.92
C GLU A 606 2.81 -2.45 29.90
N SER A 607 1.96 -1.56 30.33
CA SER A 607 0.54 -1.81 30.43
C SER A 607 -0.19 -0.98 29.42
N PHE A 608 -1.51 -1.16 29.38
CA PHE A 608 -2.37 -0.24 28.69
C PHE A 608 -2.43 1.07 29.51
N GLY A 609 -2.94 2.09 28.88
CA GLY A 609 -3.02 3.44 29.46
C GLY A 609 -4.18 3.64 30.44
N GLU A 610 -4.55 4.89 30.64
CA GLU A 610 -5.61 5.28 31.59
C GLU A 610 -6.28 6.54 31.07
N SER A 611 -7.59 6.63 31.32
CA SER A 611 -8.34 7.87 31.02
C SER A 611 -8.13 8.90 32.14
N GLY A 612 -7.56 10.03 31.74
CA GLY A 612 -7.33 11.09 32.70
C GLY A 612 -6.72 12.30 31.97
N LYS A 613 -6.59 13.39 32.70
CA LYS A 613 -5.82 14.51 32.18
C LYS A 613 -4.40 14.11 31.83
N ASP A 614 -3.90 14.55 30.70
CA ASP A 614 -2.55 14.25 30.24
C ASP A 614 -1.50 14.34 31.33
N LYS A 615 -1.45 15.46 32.02
CA LYS A 615 -0.45 15.55 33.14
C LYS A 615 -0.64 14.45 34.21
N ASP A 616 -1.88 14.12 34.58
CA ASP A 616 -2.19 13.10 35.59
C ASP A 616 -1.73 11.72 35.08
N VAL A 617 -1.92 11.46 33.76
CA VAL A 617 -1.57 10.14 33.17
C VAL A 617 -0.05 9.98 33.02
N PHE A 618 0.63 10.99 32.53
CA PHE A 618 2.09 10.89 32.50
C PHE A 618 2.70 10.68 33.89
N GLU A 619 2.20 11.38 34.91
CA GLU A 619 2.67 11.20 36.31
C GLU A 619 2.41 9.73 36.78
N ARG A 620 1.23 9.20 36.49
CA ARG A 620 0.94 7.84 36.87
C ARG A 620 1.93 6.87 36.32
N PHE A 621 2.32 7.09 35.06
CA PHE A 621 3.20 6.18 34.35
C PHE A 621 4.69 6.47 34.50
N GLY A 622 4.94 7.43 35.36
CA GLY A 622 6.38 7.64 35.78
C GLY A 622 7.15 8.65 35.04
N PHE A 623 6.51 9.39 34.13
CA PHE A 623 7.22 10.34 33.27
C PHE A 623 7.40 11.70 33.89
N SER A 624 8.37 11.77 34.82
CA SER A 624 8.66 12.99 35.52
C SER A 624 10.14 12.94 35.84
N VAL A 625 10.73 14.10 36.07
CA VAL A 625 12.16 14.15 36.26
C VAL A 625 12.52 13.42 37.55
N SER A 626 11.76 13.62 38.64
CA SER A 626 12.13 12.96 39.92
C SER A 626 12.08 11.47 39.79
N LYS A 627 11.06 10.96 39.07
CA LYS A 627 11.01 9.49 38.95
C LYS A 627 12.07 8.85 38.05
N LEU A 628 12.33 9.54 36.96
CA LEU A 628 13.31 9.07 36.02
C LEU A 628 14.70 9.09 36.64
N VAL A 629 15.02 10.15 37.32
CA VAL A 629 16.32 10.27 37.97
C VAL A 629 16.48 9.16 39.03
N ASN A 630 15.44 8.94 39.82
CA ASN A 630 15.49 7.78 40.77
C ASN A 630 15.72 6.40 40.10
N PHE A 631 15.06 6.16 38.96
CA PHE A 631 15.32 5.01 38.16
C PHE A 631 16.75 4.91 37.70
N ILE A 632 17.28 6.01 37.17
CA ILE A 632 18.64 6.03 36.60
C ILE A 632 19.65 5.72 37.73
N LEU A 633 19.38 6.26 38.89
CA LEU A 633 20.33 6.09 40.04
C LEU A 633 20.06 4.82 40.81
N SER A 634 19.16 3.99 40.32
CA SER A 634 18.76 2.69 40.90
C SER A 634 18.40 2.83 42.40
N LYS A 635 17.65 3.89 42.74
CA LYS A 635 17.28 4.20 44.14
C LYS A 635 16.93 5.66 44.37
C1 GOL B . -6.14 -10.55 -28.56
O1 GOL B . -6.01 -11.70 -27.76
C2 GOL B . -5.22 -9.41 -28.14
O2 GOL B . -3.88 -9.86 -28.01
C3 GOL B . -5.16 -8.27 -29.15
O3 GOL B . -6.41 -8.19 -29.75
N1' TPP C . -7.22 -13.72 4.36
C2' TPP C . -6.67 -12.82 3.55
CM2 TPP C . -6.82 -11.36 3.96
N3' TPP C . -5.97 -13.04 2.41
C4' TPP C . -5.72 -14.29 2.06
N4' TPP C . -4.99 -14.47 0.97
C5' TPP C . -6.33 -15.40 2.86
C6' TPP C . -7.05 -15.04 4.00
C7' TPP C . -6.15 -16.91 2.45
N3 TPP C . -6.99 -17.20 1.18
C2 TPP C . -6.63 -17.21 -0.16
S1 TPP C . -7.88 -17.41 -1.42
C5 TPP C . -9.00 -17.65 -0.08
C4 TPP C . -8.33 -17.46 1.21
CM4 TPP C . -9.15 -17.52 2.44
C6 TPP C . -10.47 -17.96 -0.22
C7 TPP C . -10.97 -18.57 -1.52
O7 TPP C . -11.19 -17.40 -2.18
PA TPP C . -11.83 -17.10 -3.54
O1A TPP C . -11.70 -15.64 -3.61
O2A TPP C . -13.24 -17.65 -3.48
O3A TPP C . -10.94 -17.92 -4.54
PB TPP C . -11.11 -19.15 -5.55
O1B TPP C . -10.23 -18.83 -6.67
O2B TPP C . -12.56 -19.37 -5.88
O3B TPP C . -10.74 -20.40 -4.82
CA CA D . -14.57 -18.68 -5.04
C1 EDO E . 24.52 -0.62 24.63
O1 EDO E . 24.81 0.45 23.70
C2 EDO E . 24.34 -1.97 23.92
O2 EDO E . 23.32 -2.75 24.57
C1 R5P F . -3.52 -18.06 0.29
O1 R5P F . -3.66 -17.13 -0.83
C2 R5P F . -3.57 -19.53 -0.18
O2 R5P F . -4.90 -20.02 -0.40
C3 R5P F . -2.71 -20.58 0.58
O3 R5P F . -1.80 -20.80 -0.49
C4 R5P F . -3.16 -22.04 0.87
O4 R5P F . -4.55 -22.07 1.24
C5 R5P F . -2.21 -22.85 1.85
O5 R5P F . -2.19 -24.33 1.72
P R5P F . -1.44 -25.30 2.82
O1P R5P F . -2.49 -25.88 3.93
O2P R5P F . -0.35 -24.28 3.45
O3P R5P F . -0.64 -26.44 2.27
P PO4 G . -0.70 -26.22 -32.86
O1 PO4 G . -0.79 -26.66 -31.41
O2 PO4 G . -0.48 -27.53 -33.64
O3 PO4 G . -1.98 -25.52 -33.30
O4 PO4 G . 0.39 -25.19 -33.16
#